data_6JZ3
#
_entry.id   6JZ3
#
_cell.length_a   162.501
_cell.length_b   103.331
_cell.length_c   112.213
_cell.angle_alpha   90.000
_cell.angle_beta   130.920
_cell.angle_gamma   90.000
#
_symmetry.space_group_name_H-M   'C 1 2 1'
#
loop_
_entity.id
_entity.type
_entity.pdbx_description
1 polymer Beta-glucuronidase
2 non-polymer '(2~{S},3~{R},4~{R},5~{S})-3,4,5-tris(oxidanyl)piperidine-2-carboxylic acid'
3 non-polymer (4R)-2-METHYLPENTANE-2,4-DIOL
4 water water
#
_entity_poly.entity_id   1
_entity_poly.type   'polypeptide(L)'
_entity_poly.pdbx_seq_one_letter_code
;MHHHHHHSSGVDLGTENLYFQSNGMLEYSELYPIQNEYRMMQSLDGMWKFQFDPEEIGKKSGWENGLPAPVSMPVPSSFA
DFFTDHKERDYCGDFWYETEFYLPAEWRNKKIWLRFGSITHRGTVYCNGMEITSHEGGFLPVLADISTVAKPGQVNQVVV
KINNELNETSLPCGATKILNNGRKLAKPYFDFFNYSGLQRSVWVIALPEESVKDYSVDYELCGTDALVKYEVVTTGEHPV
IVRLLDAEGELVAETEGKEGILQVANARLWEVRNAYLYQIVILITDGNGVLDEYREKIGIRTVRIEGTKILLNDRPVYLK
GFGKHEDFPILGRGFHWGIVKRDFECLKWTNANCFRTSHYPYAEEWYQFADEEGFLIIDEVPAVGMMRSTRNFVAAGSGN
YTYFFEALTVPELLKSHIADTEEMITRDKNHPSVIAWSLFNEPETITDYAYEYFKEVFAAAETYDFQSRPMTGAFEKNSK
PELCKCYPLCDFICLNRYYGWYISGGPEIEEAEELFRDEMDRWKAKELNVPFVFTEFGTDTMAGLHKLPSIMWSEEYQKE
YLEMNFRVFDSYEFVQGELAWNFADFQTTEGIMRVDGNHKGVFTRDRQPKAAAVVFKDRWEKKNELF
;
_entity_poly.pdbx_strand_id   A,B
#
# COMPACT_ATOMS: atom_id res chain seq x y z
N LEU A 26 -8.64 18.68 24.72
CA LEU A 26 -8.45 17.24 24.60
C LEU A 26 -7.41 16.79 25.60
N GLU A 27 -7.44 15.54 26.05
CA GLU A 27 -6.43 15.05 26.98
C GLU A 27 -5.25 14.41 26.27
N TYR A 28 -4.96 14.86 25.06
CA TYR A 28 -3.87 14.29 24.30
C TYR A 28 -3.62 15.29 23.18
N SER A 29 -2.53 15.12 22.47
CA SER A 29 -2.19 15.96 21.32
C SER A 29 -2.65 15.34 19.99
N GLU A 30 -3.17 16.17 19.07
CA GLU A 30 -3.46 15.70 17.71
C GLU A 30 -2.28 15.89 16.76
N LEU A 31 -1.18 16.48 17.22
CA LEU A 31 -0.09 16.85 16.32
C LEU A 31 0.53 15.64 15.64
N TYR A 32 0.79 15.79 14.36
CA TYR A 32 1.33 14.69 13.60
C TYR A 32 2.71 14.37 14.17
N PRO A 33 3.07 13.08 14.24
CA PRO A 33 4.37 12.77 14.87
C PRO A 33 5.61 13.08 14.01
N ILE A 34 6.66 13.55 14.68
CA ILE A 34 7.92 13.86 14.03
C ILE A 34 9.06 13.26 14.82
N GLN A 35 10.21 13.21 14.19
CA GLN A 35 11.38 12.70 14.82
C GLN A 35 12.50 13.74 14.86
N ASN A 36 12.99 14.02 16.04
CA ASN A 36 14.14 14.95 16.17
C ASN A 36 14.85 14.66 17.48
N GLU A 37 15.63 15.62 17.97
CA GLU A 37 16.39 15.35 19.20
C GLU A 37 15.53 15.10 20.41
N TYR A 38 14.28 15.60 20.41
CA TYR A 38 13.40 15.55 21.58
C TYR A 38 12.26 14.56 21.48
N ARG A 39 11.89 14.22 20.22
CA ARG A 39 10.72 13.39 19.91
C ARG A 39 11.16 12.19 19.11
N MET A 40 10.69 11.02 19.46
CA MET A 40 11.02 9.81 18.74
C MET A 40 9.78 9.12 18.21
N MET A 41 9.93 8.37 17.13
CA MET A 41 8.80 7.68 16.51
C MET A 41 9.22 6.38 15.83
N GLN A 42 8.41 5.35 16.03
CA GLN A 42 8.67 4.04 15.44
C GLN A 42 7.37 3.55 14.81
N SER A 43 7.43 3.14 13.56
CA SER A 43 6.24 2.65 12.84
C SER A 43 5.87 1.24 13.32
N LEU A 44 4.58 1.03 13.60
CA LEU A 44 4.12 -0.32 13.86
C LEU A 44 3.39 -0.93 12.69
N ASP A 45 3.44 -0.28 11.53
CA ASP A 45 2.72 -0.80 10.34
C ASP A 45 3.38 -2.17 10.00
N GLY A 46 2.61 -3.06 9.35
CA GLY A 46 3.14 -4.35 8.88
C GLY A 46 2.07 -5.38 9.06
N MET A 47 2.44 -6.62 9.25
CA MET A 47 1.50 -7.68 9.53
C MET A 47 1.20 -7.87 10.98
N TRP A 48 -0.03 -7.60 11.37
CA TRP A 48 -0.45 -7.81 12.75
C TRP A 48 -1.12 -9.14 12.94
N LYS A 49 -1.32 -9.55 14.17
CA LYS A 49 -2.17 -10.69 14.47
C LYS A 49 -3.61 -10.18 14.61
N PHE A 50 -4.59 -11.02 14.26
CA PHE A 50 -5.97 -10.59 14.12
C PHE A 50 -6.88 -11.76 14.46
N GLN A 51 -8.02 -11.50 15.10
CA GLN A 51 -8.96 -12.57 15.39
C GLN A 51 -10.35 -12.02 15.50
N PHE A 52 -11.31 -12.66 14.83
CA PHE A 52 -12.70 -12.29 15.02
C PHE A 52 -13.24 -12.82 16.36
N ASP A 53 -14.19 -12.08 16.94
CA ASP A 53 -14.74 -12.46 18.27
C ASP A 53 -16.28 -12.49 18.23
N PRO A 54 -16.85 -13.43 17.47
CA PRO A 54 -18.31 -13.47 17.29
C PRO A 54 -19.08 -13.65 18.59
N GLU A 55 -18.48 -14.32 19.55
CA GLU A 55 -19.21 -14.59 20.80
C GLU A 55 -18.95 -13.54 21.88
N GLU A 56 -18.15 -12.51 21.55
CA GLU A 56 -17.87 -11.42 22.46
C GLU A 56 -17.28 -11.96 23.75
N ILE A 57 -16.27 -12.80 23.62
CA ILE A 57 -15.65 -13.41 24.79
C ILE A 57 -14.18 -13.04 24.93
N GLY A 58 -13.64 -12.16 24.09
CA GLY A 58 -12.21 -11.89 24.23
C GLY A 58 -11.81 -11.26 25.57
N LYS A 59 -12.56 -10.30 26.03
CA LYS A 59 -12.21 -9.66 27.25
C LYS A 59 -12.55 -10.57 28.40
N LYS A 60 -13.41 -11.54 28.24
CA LYS A 60 -13.63 -12.56 29.27
C LYS A 60 -12.60 -13.67 29.26
N SER A 61 -11.72 -13.70 28.28
CA SER A 61 -10.90 -14.88 28.04
C SER A 61 -9.42 -14.56 27.86
N GLY A 62 -9.01 -13.40 28.35
CA GLY A 62 -7.59 -13.09 28.39
C GLY A 62 -7.02 -12.53 27.10
N TRP A 63 -7.89 -12.19 26.14
CA TRP A 63 -7.30 -11.80 24.83
C TRP A 63 -6.50 -10.52 24.90
N GLU A 64 -6.69 -9.70 25.93
CA GLU A 64 -5.90 -8.47 26.02
C GLU A 64 -4.45 -8.77 26.33
N ASN A 65 -4.14 -10.01 26.70
CA ASN A 65 -2.78 -10.46 26.89
C ASN A 65 -2.27 -11.27 25.71
N GLY A 66 -3.03 -11.30 24.62
CA GLY A 66 -2.61 -12.06 23.45
C GLY A 66 -3.75 -12.86 22.88
N LEU A 67 -3.87 -12.89 21.54
CA LEU A 67 -4.96 -13.57 20.90
C LEU A 67 -4.68 -15.07 20.81
N PRO A 68 -5.70 -15.88 21.01
CA PRO A 68 -5.37 -17.32 21.14
C PRO A 68 -5.21 -18.05 19.81
N ALA A 69 -5.83 -17.58 18.72
CA ALA A 69 -5.75 -18.33 17.46
C ALA A 69 -5.86 -17.32 16.29
N PRO A 70 -4.87 -16.42 16.22
CA PRO A 70 -4.95 -15.32 15.26
C PRO A 70 -4.61 -15.78 13.84
N VAL A 71 -5.00 -14.93 12.90
CA VAL A 71 -4.46 -14.94 11.55
C VAL A 71 -3.67 -13.65 11.34
N SER A 72 -3.04 -13.53 10.18
CA SER A 72 -2.29 -12.34 9.85
C SER A 72 -3.16 -11.29 9.18
N MET A 73 -2.97 -10.02 9.55
CA MET A 73 -3.76 -8.95 8.94
C MET A 73 -2.85 -7.75 8.69
N PRO A 74 -2.79 -7.29 7.44
CA PRO A 74 -2.04 -6.07 7.14
C PRO A 74 -2.57 -4.82 7.84
N VAL A 75 -1.63 -3.95 8.26
CA VAL A 75 -1.95 -2.64 8.80
C VAL A 75 -0.99 -1.68 8.16
N PRO A 76 -1.48 -0.61 7.55
CA PRO A 76 -2.88 -0.23 7.45
C PRO A 76 -3.68 -0.96 6.38
N SER A 77 -4.92 -1.24 6.66
CA SER A 77 -5.85 -1.76 5.66
C SER A 77 -7.23 -1.90 6.26
N SER A 78 -8.26 -1.97 5.44
CA SER A 78 -9.55 -2.49 5.91
C SER A 78 -9.45 -4.02 5.87
N PHE A 79 -10.07 -4.75 6.81
CA PHE A 79 -9.89 -6.20 6.74
C PHE A 79 -10.78 -6.88 5.67
N ALA A 80 -11.89 -6.24 5.25
CA ALA A 80 -12.95 -7.03 4.61
C ALA A 80 -12.57 -7.74 3.32
N ASP A 81 -11.83 -7.08 2.44
CA ASP A 81 -11.74 -7.62 1.07
C ASP A 81 -10.57 -8.60 0.87
N PHE A 82 -9.87 -8.94 1.91
CA PHE A 82 -8.83 -9.98 1.80
C PHE A 82 -9.44 -11.35 1.68
N PHE A 83 -10.55 -11.57 2.40
CA PHE A 83 -11.04 -12.95 2.61
C PHE A 83 -11.79 -13.48 1.39
N THR A 84 -11.94 -14.82 1.31
CA THR A 84 -12.68 -15.39 0.19
C THR A 84 -14.06 -15.91 0.57
N ASP A 85 -14.44 -15.79 1.84
CA ASP A 85 -15.79 -16.19 2.28
C ASP A 85 -16.63 -15.01 2.73
N HIS A 86 -17.94 -15.13 2.51
CA HIS A 86 -18.85 -14.01 2.84
C HIS A 86 -18.81 -13.64 4.32
N LYS A 87 -18.82 -14.63 5.20
CA LYS A 87 -19.00 -14.29 6.63
C LYS A 87 -17.81 -13.48 7.18
N GLU A 88 -16.61 -13.71 6.66
CA GLU A 88 -15.50 -12.90 7.11
C GLU A 88 -15.53 -11.50 6.49
N ARG A 89 -15.87 -11.44 5.20
CA ARG A 89 -15.97 -10.11 4.57
C ARG A 89 -17.01 -9.23 5.27
N ASP A 90 -18.16 -9.83 5.58
CA ASP A 90 -19.29 -9.11 6.10
C ASP A 90 -19.29 -9.05 7.64
N TYR A 91 -18.19 -9.46 8.26
CA TYR A 91 -18.18 -9.56 9.74
C TYR A 91 -18.58 -8.23 10.40
N CYS A 92 -19.46 -8.31 11.40
CA CYS A 92 -19.90 -7.16 12.13
C CYS A 92 -19.92 -7.57 13.61
N GLY A 93 -19.27 -6.77 14.44
CA GLY A 93 -19.16 -7.07 15.86
C GLY A 93 -17.78 -6.69 16.41
N ASP A 94 -17.32 -7.45 17.41
CA ASP A 94 -16.03 -7.26 18.05
C ASP A 94 -14.97 -8.06 17.30
N PHE A 95 -13.78 -7.46 17.12
CA PHE A 95 -12.65 -8.17 16.51
C PHE A 95 -11.39 -7.51 17.02
N TRP A 96 -10.29 -8.26 16.98
CA TRP A 96 -9.12 -7.87 17.74
C TRP A 96 -7.86 -7.86 16.88
N TYR A 97 -6.95 -6.95 17.23
CA TYR A 97 -5.64 -6.84 16.62
C TYR A 97 -4.58 -6.95 17.69
N GLU A 98 -3.43 -7.50 17.31
CA GLU A 98 -2.28 -7.57 18.24
C GLU A 98 -0.98 -7.35 17.51
N THR A 99 -0.01 -6.63 18.12
CA THR A 99 1.36 -6.74 17.58
C THR A 99 2.34 -6.59 18.72
N GLU A 100 3.62 -6.85 18.43
CA GLU A 100 4.69 -6.69 19.42
C GLU A 100 5.70 -5.76 18.83
N PHE A 101 6.40 -5.00 19.67
CA PHE A 101 7.42 -4.08 19.17
C PHE A 101 8.50 -3.94 20.25
N TYR A 102 9.73 -3.72 19.78
CA TYR A 102 10.82 -3.51 20.72
C TYR A 102 10.98 -2.01 20.98
N LEU A 103 11.00 -1.58 22.24
CA LEU A 103 11.16 -0.19 22.60
C LEU A 103 12.60 0.06 22.99
N PRO A 104 13.27 0.99 22.33
CA PRO A 104 14.64 1.28 22.69
C PRO A 104 14.78 1.78 24.14
N ALA A 105 15.82 1.32 24.81
CA ALA A 105 16.01 1.71 26.18
C ALA A 105 16.07 3.23 26.34
N GLU A 106 16.56 3.93 25.34
CA GLU A 106 16.71 5.38 25.40
C GLU A 106 15.38 6.10 25.65
N TRP A 107 14.27 5.44 25.33
CA TRP A 107 12.95 6.06 25.50
C TRP A 107 12.48 6.12 26.96
N ARG A 108 13.27 5.54 27.87
CA ARG A 108 12.91 5.48 29.28
C ARG A 108 12.53 6.83 29.90
N ASN A 109 11.42 6.77 30.62
CA ASN A 109 10.89 7.91 31.38
C ASN A 109 10.43 9.10 30.52
N LYS A 110 10.34 8.95 29.20
CA LYS A 110 9.72 9.95 28.32
C LYS A 110 8.23 9.72 28.44
N LYS A 111 7.40 10.64 27.93
CA LYS A 111 5.97 10.36 27.77
C LYS A 111 5.81 9.50 26.46
N ILE A 112 5.41 8.25 26.64
CA ILE A 112 5.36 7.30 25.53
C ILE A 112 3.91 7.04 25.19
N TRP A 113 3.59 7.20 23.90
CA TRP A 113 2.22 7.09 23.45
C TRP A 113 2.12 6.10 22.27
N LEU A 114 1.03 5.35 22.24
CA LEU A 114 0.62 4.71 20.98
C LEU A 114 -0.27 5.69 20.22
N ARG A 115 -0.02 5.81 18.91
CA ARG A 115 -0.80 6.75 18.11
C ARG A 115 -1.35 6.01 16.92
N PHE A 116 -2.66 5.90 16.89
CA PHE A 116 -3.35 5.21 15.77
C PHE A 116 -3.89 6.27 14.86
N GLY A 117 -3.62 6.22 13.53
CA GLY A 117 -4.27 7.20 12.63
C GLY A 117 -5.79 7.17 12.76
N SER A 118 -6.34 5.98 12.99
CA SER A 118 -7.73 5.81 13.31
C SER A 118 -7.90 4.39 13.83
N ILE A 119 -9.06 4.12 14.45
CA ILE A 119 -9.49 2.79 14.88
C ILE A 119 -10.96 2.72 14.51
N THR A 120 -11.33 1.87 13.54
CA THR A 120 -12.66 2.01 12.94
C THR A 120 -13.61 0.87 13.39
N HIS A 121 -14.74 1.14 14.08
CA HIS A 121 -15.27 2.45 14.46
C HIS A 121 -14.98 2.91 15.86
N ARG A 122 -14.81 1.94 16.74
CA ARG A 122 -14.60 2.26 18.18
C ARG A 122 -13.75 1.15 18.76
N GLY A 123 -13.05 1.43 19.84
CA GLY A 123 -12.22 0.42 20.42
C GLY A 123 -11.60 0.79 21.74
N THR A 124 -10.94 -0.21 22.27
CA THR A 124 -10.16 -0.11 23.46
C THR A 124 -8.72 -0.59 23.26
N VAL A 125 -7.76 0.20 23.65
CA VAL A 125 -6.37 -0.08 23.49
C VAL A 125 -5.80 -0.63 24.79
N TYR A 126 -5.11 -1.76 24.65
CA TYR A 126 -4.38 -2.40 25.77
C TYR A 126 -2.90 -2.38 25.44
N CYS A 127 -2.07 -2.28 26.46
CA CYS A 127 -0.64 -2.39 26.24
C CYS A 127 -0.06 -3.15 27.40
N ASN A 128 0.71 -4.19 27.10
CA ASN A 128 1.29 -5.07 28.13
C ASN A 128 0.21 -5.52 29.11
N GLY A 129 -0.96 -5.82 28.57
CA GLY A 129 -2.04 -6.40 29.38
C GLY A 129 -2.90 -5.41 30.12
N MET A 130 -2.56 -4.12 30.05
CA MET A 130 -3.28 -3.07 30.78
C MET A 130 -4.20 -2.25 29.88
N GLU A 131 -5.42 -1.96 30.31
CA GLU A 131 -6.31 -1.08 29.57
C GLU A 131 -5.78 0.34 29.58
N ILE A 132 -5.65 0.95 28.41
CA ILE A 132 -5.09 2.27 28.37
C ILE A 132 -6.12 3.34 28.06
N THR A 133 -6.86 3.19 26.97
CA THR A 133 -7.86 4.21 26.61
C THR A 133 -8.90 3.59 25.67
N SER A 134 -10.04 4.26 25.53
CA SER A 134 -11.10 3.86 24.59
C SER A 134 -11.43 5.03 23.74
N HIS A 135 -11.93 4.75 22.55
CA HIS A 135 -12.30 5.85 21.66
C HIS A 135 -13.49 5.46 20.82
N GLU A 136 -14.36 6.43 20.58
CA GLU A 136 -15.52 6.30 19.73
C GLU A 136 -15.39 7.22 18.54
N GLY A 137 -15.41 6.69 17.32
CA GLY A 137 -15.28 7.53 16.13
C GLY A 137 -14.14 6.97 15.28
N GLY A 138 -14.44 6.56 14.05
CA GLY A 138 -13.52 5.71 13.33
C GLY A 138 -12.63 6.38 12.29
N PHE A 139 -12.52 7.72 12.33
CA PHE A 139 -11.84 8.43 11.22
C PHE A 139 -10.89 9.50 11.69
N LEU A 140 -10.53 9.43 12.99
CA LEU A 140 -9.62 10.43 13.59
C LEU A 140 -8.66 9.75 14.57
N PRO A 141 -7.51 10.40 14.89
CA PRO A 141 -6.46 9.71 15.65
C PRO A 141 -6.91 9.30 17.05
N VAL A 142 -6.34 8.19 17.47
CA VAL A 142 -6.54 7.69 18.82
C VAL A 142 -5.16 7.69 19.47
N LEU A 143 -5.08 8.33 20.63
CA LEU A 143 -3.81 8.48 21.37
C LEU A 143 -3.94 7.77 22.69
N ALA A 144 -2.98 6.89 22.95
CA ALA A 144 -3.04 6.07 24.18
C ALA A 144 -1.73 6.27 24.95
N ASP A 145 -1.84 6.80 26.18
CA ASP A 145 -0.65 7.08 26.96
C ASP A 145 -0.15 5.84 27.69
N ILE A 146 0.96 5.27 27.21
CA ILE A 146 1.50 4.04 27.79
C ILE A 146 2.73 4.30 28.66
N SER A 147 2.91 5.55 29.09
CA SER A 147 4.12 5.92 29.85
C SER A 147 4.32 5.06 31.07
N THR A 148 3.23 4.72 31.76
CA THR A 148 3.37 3.98 33.03
C THR A 148 3.44 2.47 32.87
N VAL A 149 3.16 1.94 31.66
CA VAL A 149 3.19 0.49 31.44
C VAL A 149 4.23 0.08 30.42
N ALA A 150 4.78 1.03 29.66
CA ALA A 150 5.85 0.73 28.71
C ALA A 150 7.07 0.09 29.35
N LYS A 151 7.72 -0.79 28.59
CA LYS A 151 8.92 -1.50 29.04
C LYS A 151 10.08 -1.14 28.12
N PRO A 152 10.81 -0.08 28.47
CA PRO A 152 11.96 0.34 27.65
C PRO A 152 13.05 -0.74 27.65
N GLY A 153 13.64 -0.94 26.48
CA GLY A 153 14.70 -1.94 26.34
C GLY A 153 14.17 -3.35 26.35
N GLN A 154 12.89 -3.52 26.05
CA GLN A 154 12.25 -4.80 26.05
C GLN A 154 11.18 -4.93 24.92
N VAL A 155 10.71 -6.14 24.67
CA VAL A 155 9.59 -6.32 23.75
C VAL A 155 8.31 -5.92 24.49
N ASN A 156 7.45 -5.18 23.81
CA ASN A 156 6.17 -4.73 24.33
C ASN A 156 5.05 -5.27 23.46
N GLN A 157 3.85 -5.31 24.01
CA GLN A 157 2.68 -5.83 23.30
C GLN A 157 1.59 -4.80 23.25
N VAL A 158 0.92 -4.66 22.08
CA VAL A 158 -0.30 -3.84 22.00
C VAL A 158 -1.41 -4.76 21.50
N VAL A 159 -2.57 -4.69 22.16
CA VAL A 159 -3.75 -5.41 21.71
C VAL A 159 -4.89 -4.40 21.63
N VAL A 160 -5.69 -4.47 20.56
CA VAL A 160 -6.81 -3.56 20.42
C VAL A 160 -8.07 -4.36 20.22
N LYS A 161 -9.10 -4.10 21.03
CA LYS A 161 -10.43 -4.60 20.78
C LYS A 161 -11.17 -3.54 19.97
N ILE A 162 -11.71 -3.93 18.81
CA ILE A 162 -12.39 -3.02 17.94
C ILE A 162 -13.81 -3.51 17.72
N ASN A 163 -14.71 -2.58 17.47
CA ASN A 163 -16.07 -2.94 17.12
C ASN A 163 -16.51 -2.05 15.95
N ASN A 164 -17.25 -2.66 15.01
CA ASN A 164 -17.66 -1.93 13.81
C ASN A 164 -19.17 -1.90 13.61
N GLU A 165 -19.92 -2.10 14.71
CA GLU A 165 -21.38 -1.97 14.58
C GLU A 165 -21.81 -0.52 14.34
N LEU A 166 -23.03 -0.37 13.82
CA LEU A 166 -23.58 0.94 13.50
C LEU A 166 -24.79 1.15 14.42
N ASN A 167 -24.91 2.38 14.94
CA ASN A 167 -26.05 2.73 15.79
C ASN A 167 -26.46 4.18 15.56
N GLU A 168 -27.38 4.66 16.41
CA GLU A 168 -27.93 6.00 16.25
C GLU A 168 -27.39 6.96 17.32
N THR A 169 -26.29 6.60 17.96
CA THR A 169 -25.70 7.49 18.97
C THR A 169 -24.24 7.83 18.68
N SER A 170 -23.77 7.42 17.48
CA SER A 170 -22.38 7.64 17.10
C SER A 170 -22.37 7.76 15.57
N LEU A 171 -21.32 8.40 15.02
CA LEU A 171 -21.23 8.63 13.58
C LEU A 171 -20.26 7.69 12.90
N PRO A 172 -20.58 7.24 11.70
CA PRO A 172 -21.76 7.47 10.88
C PRO A 172 -22.88 6.50 11.36
N CYS A 173 -24.11 6.94 11.18
CA CYS A 173 -25.24 6.22 11.78
C CYS A 173 -25.72 5.03 10.98
N GLY A 174 -26.22 4.04 11.71
CA GLY A 174 -26.91 2.95 11.06
C GLY A 174 -27.55 2.03 12.09
N ALA A 175 -27.78 0.80 11.69
CA ALA A 175 -28.33 -0.23 12.56
C ALA A 175 -27.50 -1.50 12.45
N THR A 176 -27.76 -2.44 13.34
CA THR A 176 -27.09 -3.73 13.34
C THR A 176 -28.21 -4.74 13.34
N LYS A 177 -28.21 -5.61 12.33
CA LYS A 177 -29.21 -6.67 12.24
C LYS A 177 -28.66 -7.96 12.78
N ILE A 178 -29.50 -8.75 13.45
CA ILE A 178 -29.10 -10.07 13.91
C ILE A 178 -29.73 -11.22 13.11
N LEU A 179 -28.91 -12.03 12.46
CA LEU A 179 -29.36 -13.13 11.61
C LEU A 179 -29.38 -14.40 12.40
N ASN A 180 -29.14 -15.51 11.71
CA ASN A 180 -29.16 -16.86 12.25
C ASN A 180 -27.88 -17.06 12.99
N ASN A 181 -28.01 -17.75 14.08
CA ASN A 181 -26.96 -17.92 14.99
C ASN A 181 -26.30 -16.74 15.57
N GLY A 182 -27.07 -15.68 15.67
CA GLY A 182 -26.60 -14.50 16.30
C GLY A 182 -25.55 -13.80 15.50
N ARG A 183 -25.43 -14.13 14.23
CA ARG A 183 -24.48 -13.46 13.35
C ARG A 183 -24.97 -12.06 13.02
N LYS A 184 -24.14 -11.05 13.29
CA LYS A 184 -24.53 -9.66 13.07
C LYS A 184 -24.22 -9.18 11.66
N LEU A 185 -25.00 -8.23 11.20
CA LEU A 185 -24.81 -7.64 9.90
C LEU A 185 -24.98 -6.16 10.01
N ALA A 186 -24.04 -5.39 9.48
CA ALA A 186 -24.18 -3.94 9.52
C ALA A 186 -25.25 -3.48 8.53
N LYS A 187 -26.06 -2.51 8.94
CA LYS A 187 -27.11 -1.94 8.07
C LYS A 187 -26.94 -0.44 8.01
N PRO A 188 -26.07 0.05 7.12
CA PRO A 188 -25.80 1.50 7.11
C PRO A 188 -26.99 2.37 6.75
N TYR A 189 -27.02 3.59 7.28
CA TYR A 189 -27.95 4.58 6.75
C TYR A 189 -27.25 5.48 5.71
N PHE A 190 -26.10 5.01 5.21
CA PHE A 190 -25.25 5.80 4.32
C PHE A 190 -24.83 4.90 3.16
N ASP A 191 -24.47 5.53 2.05
CA ASP A 191 -24.20 4.83 0.79
C ASP A 191 -22.69 4.59 0.62
N PHE A 192 -22.09 3.94 1.60
CA PHE A 192 -20.70 3.44 1.40
C PHE A 192 -20.50 2.22 2.27
N PHE A 193 -19.62 1.32 1.81
CA PHE A 193 -19.47 0.03 2.48
C PHE A 193 -18.90 0.22 3.88
N ASN A 194 -19.35 -0.60 4.83
CA ASN A 194 -18.87 -0.45 6.20
C ASN A 194 -17.51 -1.06 6.40
N TYR A 195 -16.51 -0.50 5.73
CA TYR A 195 -15.11 -0.93 5.93
C TYR A 195 -14.68 -0.56 7.36
N SER A 196 -13.79 -1.36 7.92
CA SER A 196 -13.36 -1.13 9.31
C SER A 196 -12.04 -1.86 9.60
N GLY A 197 -11.53 -1.67 10.80
CA GLY A 197 -10.23 -2.23 11.16
C GLY A 197 -9.26 -1.13 11.48
N LEU A 198 -7.96 -1.42 11.34
CA LEU A 198 -6.87 -0.43 11.47
C LEU A 198 -6.46 0.02 10.07
N GLN A 199 -7.15 1.08 9.62
CA GLN A 199 -7.09 1.50 8.23
C GLN A 199 -6.01 2.51 7.96
N ARG A 200 -5.36 3.00 9.02
CA ARG A 200 -4.29 4.01 8.89
C ARG A 200 -3.05 3.61 9.68
N SER A 201 -1.98 4.35 9.45
CA SER A 201 -0.73 3.98 10.10
C SER A 201 -0.80 4.04 11.63
N VAL A 202 0.05 3.26 12.24
CA VAL A 202 0.12 3.18 13.69
C VAL A 202 1.58 3.41 14.08
N TRP A 203 1.78 4.26 15.11
CA TRP A 203 3.11 4.55 15.61
C TRP A 203 3.19 4.33 17.12
N VAL A 204 4.39 4.11 17.58
CA VAL A 204 4.62 4.34 19.04
C VAL A 204 5.62 5.53 19.05
N ILE A 205 5.40 6.48 19.97
CA ILE A 205 6.19 7.72 19.95
C ILE A 205 6.60 8.04 21.38
N ALA A 206 7.65 8.85 21.48
CA ALA A 206 8.13 9.32 22.78
C ALA A 206 8.27 10.85 22.70
N LEU A 207 7.70 11.49 23.71
CA LEU A 207 7.73 12.95 23.83
C LEU A 207 8.47 13.37 25.10
N PRO A 208 9.01 14.58 25.10
CA PRO A 208 9.55 15.09 26.38
C PRO A 208 8.47 15.30 27.41
N GLU A 209 8.85 15.27 28.70
CA GLU A 209 7.85 15.40 29.77
C GLU A 209 7.10 16.72 29.74
N GLU A 210 7.76 17.77 29.25
CA GLU A 210 7.08 19.03 28.96
C GLU A 210 7.14 19.23 27.43
N SER A 211 5.95 19.27 26.78
CA SER A 211 5.93 19.27 25.33
C SER A 211 4.91 20.21 24.75
N VAL A 212 5.11 20.52 23.47
CA VAL A 212 4.11 21.22 22.71
C VAL A 212 2.94 20.31 22.38
N LYS A 213 1.76 20.66 22.86
CA LYS A 213 0.59 19.82 22.77
C LYS A 213 -0.30 20.25 21.59
N ASP A 214 -0.35 21.56 21.30
CA ASP A 214 -1.22 22.09 20.28
C ASP A 214 -0.68 23.45 19.88
N TYR A 215 -1.03 23.89 18.69
CA TYR A 215 -0.82 25.30 18.36
C TYR A 215 -1.83 25.63 17.28
N SER A 216 -2.03 26.93 17.04
CA SER A 216 -2.98 27.39 16.04
C SER A 216 -2.40 28.60 15.35
N VAL A 217 -2.58 28.72 14.04
CA VAL A 217 -2.19 29.91 13.31
C VAL A 217 -3.40 30.50 12.58
N ASP A 218 -3.33 31.82 12.37
CA ASP A 218 -4.34 32.57 11.63
C ASP A 218 -3.58 33.66 10.89
N TYR A 219 -4.09 34.13 9.76
CA TYR A 219 -3.33 35.00 8.90
C TYR A 219 -4.04 36.32 8.60
N GLU A 220 -3.24 37.35 8.42
CA GLU A 220 -3.71 38.64 7.96
C GLU A 220 -2.76 39.16 6.91
N LEU A 221 -3.31 39.62 5.79
CA LEU A 221 -2.50 40.14 4.69
C LEU A 221 -2.42 41.66 4.85
N CYS A 222 -1.20 42.22 4.73
CA CYS A 222 -0.98 43.65 4.87
C CYS A 222 -0.16 44.16 3.69
N GLY A 223 -0.82 44.45 2.58
CA GLY A 223 -0.14 44.84 1.36
C GLY A 223 0.77 43.72 0.94
N THR A 224 2.07 43.95 0.92
CA THR A 224 2.96 42.88 0.46
C THR A 224 3.50 42.05 1.62
N ASP A 225 3.08 42.40 2.83
CA ASP A 225 3.52 41.69 4.02
C ASP A 225 2.37 40.86 4.59
N ALA A 226 2.69 40.03 5.58
CA ALA A 226 1.65 39.23 6.20
C ALA A 226 1.95 39.07 7.68
N LEU A 227 0.90 38.84 8.45
CA LEU A 227 1.01 38.55 9.86
C LEU A 227 0.57 37.10 10.09
N VAL A 228 1.39 36.34 10.79
CA VAL A 228 0.95 35.02 11.26
C VAL A 228 0.68 35.13 12.73
N LYS A 229 -0.59 35.14 13.10
CA LYS A 229 -1.02 35.18 14.48
C LYS A 229 -1.00 33.77 15.04
N TYR A 230 -0.47 33.58 16.24
CA TYR A 230 -0.45 32.19 16.76
C TYR A 230 -0.77 32.10 18.23
N GLU A 231 -1.14 30.90 18.65
CA GLU A 231 -1.21 30.49 20.03
C GLU A 231 -0.57 29.12 20.18
N VAL A 232 0.12 28.87 21.27
CA VAL A 232 0.72 27.57 21.55
C VAL A 232 0.25 27.06 22.89
N VAL A 233 -0.11 25.79 22.98
CA VAL A 233 -0.43 25.13 24.23
C VAL A 233 0.66 24.11 24.52
N THR A 234 1.27 24.20 25.69
CA THR A 234 2.27 23.20 26.11
C THR A 234 1.81 22.53 27.37
N THR A 235 2.53 21.48 27.79
CA THR A 235 2.16 20.80 29.03
C THR A 235 2.97 21.30 30.25
N GLY A 236 3.54 22.49 30.14
CA GLY A 236 4.25 23.08 31.28
C GLY A 236 4.30 24.59 31.24
N GLU A 237 5.22 25.13 32.05
CA GLU A 237 5.26 26.58 32.22
C GLU A 237 6.53 27.23 31.70
N HIS A 238 7.44 26.48 31.10
CA HIS A 238 8.66 27.07 30.57
C HIS A 238 8.41 27.92 29.33
N PRO A 239 9.35 28.83 29.03
CA PRO A 239 9.20 29.80 27.94
C PRO A 239 9.11 29.11 26.59
N VAL A 240 8.39 29.74 25.68
CA VAL A 240 8.22 29.30 24.31
C VAL A 240 8.77 30.34 23.35
N ILE A 241 9.51 29.88 22.34
CA ILE A 241 9.99 30.70 21.24
C ILE A 241 9.41 30.13 19.97
N VAL A 242 8.95 31.00 19.07
CA VAL A 242 8.39 30.58 17.78
C VAL A 242 9.15 31.21 16.64
N ARG A 243 9.58 30.38 15.70
CA ARG A 243 10.31 30.85 14.53
C ARG A 243 9.53 30.43 13.28
N LEU A 244 9.68 31.22 12.24
CA LEU A 244 9.13 30.91 10.94
C LEU A 244 10.27 30.85 9.94
N LEU A 245 10.39 29.73 9.25
CA LEU A 245 11.40 29.57 8.20
C LEU A 245 10.76 29.57 6.83
N ASP A 246 11.47 30.07 5.81
CA ASP A 246 10.91 30.01 4.47
C ASP A 246 11.18 28.63 3.86
N ALA A 247 10.81 28.48 2.59
CA ALA A 247 10.91 27.18 1.92
C ALA A 247 12.33 26.65 1.78
N GLU A 248 13.30 27.56 1.94
CA GLU A 248 14.71 27.20 1.86
C GLU A 248 15.27 26.95 3.26
N GLY A 249 14.44 27.12 4.29
CA GLY A 249 14.89 26.96 5.65
C GLY A 249 15.53 28.21 6.25
N GLU A 250 15.39 29.36 5.60
CA GLU A 250 15.95 30.60 6.14
C GLU A 250 14.98 31.26 7.12
N LEU A 251 15.54 31.82 8.20
CA LEU A 251 14.70 32.49 9.22
C LEU A 251 14.06 33.77 8.68
N VAL A 252 12.73 33.88 8.76
CA VAL A 252 12.11 35.13 8.33
C VAL A 252 11.36 35.84 9.46
N ALA A 253 11.12 35.18 10.59
CA ALA A 253 10.44 35.82 11.73
C ALA A 253 10.67 35.04 12.99
N GLU A 254 10.72 35.72 14.13
CA GLU A 254 10.89 35.05 15.41
C GLU A 254 10.24 35.87 16.51
N THR A 255 9.58 35.20 17.44
CA THR A 255 8.90 35.91 18.52
C THR A 255 8.93 35.03 19.76
N GLU A 256 8.72 35.63 20.92
CA GLU A 256 8.68 34.91 22.15
C GLU A 256 7.29 34.94 22.73
N GLY A 257 6.92 33.85 23.39
CA GLY A 257 5.66 33.73 24.05
C GLY A 257 4.74 32.68 23.43
N LYS A 258 3.85 32.19 24.26
CA LYS A 258 2.83 31.23 23.83
C LYS A 258 1.74 31.87 22.98
N GLU A 259 1.67 33.19 22.95
CA GLU A 259 0.75 33.89 22.06
C GLU A 259 1.50 35.02 21.39
N GLY A 260 1.36 35.19 20.09
CA GLY A 260 2.10 36.26 19.45
C GLY A 260 1.76 36.44 18.00
N ILE A 261 2.53 37.31 17.34
CA ILE A 261 2.42 37.57 15.92
C ILE A 261 3.77 37.48 15.26
N LEU A 262 3.86 36.70 14.20
CA LEU A 262 5.04 36.65 13.39
C LEU A 262 4.90 37.62 12.22
N GLN A 263 5.84 38.55 12.04
CA GLN A 263 5.71 39.50 10.94
C GLN A 263 6.55 39.05 9.77
N VAL A 264 5.91 38.86 8.63
CA VAL A 264 6.57 38.35 7.45
C VAL A 264 6.63 39.39 6.33
N ALA A 265 7.83 39.89 6.08
CA ALA A 265 8.04 40.84 4.99
C ALA A 265 7.97 40.16 3.65
N ASN A 266 7.24 40.77 2.72
CA ASN A 266 7.25 40.30 1.33
C ASN A 266 6.84 38.81 1.30
N ALA A 267 5.77 38.53 2.02
CA ALA A 267 5.31 37.17 2.21
C ALA A 267 4.99 36.51 0.90
N ARG A 268 5.40 35.23 0.80
CA ARG A 268 5.06 34.43 -0.35
C ARG A 268 3.81 33.63 0.00
N LEU A 269 2.68 34.03 -0.56
CA LEU A 269 1.40 33.50 -0.16
C LEU A 269 1.19 32.11 -0.77
N TRP A 270 0.49 31.27 0.00
CA TRP A 270 -0.01 30.00 -0.54
C TRP A 270 -1.18 30.28 -1.48
N GLU A 271 -1.07 29.85 -2.74
CA GLU A 271 -2.09 30.15 -3.73
C GLU A 271 -2.72 28.90 -4.27
N VAL A 272 -3.94 29.02 -4.79
CA VAL A 272 -4.62 27.86 -5.41
C VAL A 272 -3.78 27.28 -6.54
N ARG A 273 -3.50 26.00 -6.34
N ARG A 273 -3.49 26.01 -6.32
CA ARG A 273 -2.73 25.23 -7.31
CA ARG A 273 -2.74 25.22 -7.29
C ARG A 273 -1.37 25.85 -7.57
C ARG A 273 -1.36 25.82 -7.55
N ASN A 274 -0.85 26.56 -6.57
CA ASN A 274 0.45 27.20 -6.65
C ASN A 274 0.90 27.44 -5.22
N ALA A 275 1.18 26.35 -4.52
CA ALA A 275 1.49 26.42 -3.12
C ALA A 275 2.82 27.04 -2.83
N TYR A 276 2.92 27.59 -1.63
CA TYR A 276 4.22 27.92 -1.01
C TYR A 276 4.07 27.61 0.47
N LEU A 277 5.04 26.93 1.08
CA LEU A 277 4.94 26.56 2.47
C LEU A 277 6.13 27.06 3.27
N TYR A 278 5.80 27.76 4.35
CA TYR A 278 6.77 28.07 5.39
C TYR A 278 6.83 26.95 6.40
N GLN A 279 7.88 26.94 7.22
CA GLN A 279 7.95 26.02 8.35
C GLN A 279 7.80 26.78 9.64
N ILE A 280 6.84 26.41 10.48
CA ILE A 280 6.80 26.98 11.84
C ILE A 280 7.60 26.07 12.74
N VAL A 281 8.34 26.69 13.64
CA VAL A 281 9.22 25.96 14.55
C VAL A 281 8.93 26.49 15.94
N ILE A 282 8.45 25.61 16.81
CA ILE A 282 8.02 25.98 18.14
C ILE A 282 8.96 25.34 19.14
N LEU A 283 9.62 26.15 19.97
CA LEU A 283 10.61 25.63 20.93
C LEU A 283 10.16 25.90 22.33
N ILE A 284 10.31 24.93 23.23
CA ILE A 284 10.20 25.18 24.67
C ILE A 284 11.63 25.30 25.18
N THR A 285 11.95 26.36 25.90
CA THR A 285 13.32 26.47 26.40
C THR A 285 13.42 26.43 27.91
N ASP A 286 14.60 26.09 28.35
CA ASP A 286 14.86 25.93 29.74
C ASP A 286 15.93 26.91 30.04
N GLY A 287 17.11 26.62 29.60
CA GLY A 287 18.15 27.62 29.78
C GLY A 287 18.04 28.72 28.76
N ASN A 288 19.03 28.82 27.91
CA ASN A 288 20.19 27.99 28.02
C ASN A 288 20.05 26.76 27.15
N GLY A 289 18.91 26.06 27.22
CA GLY A 289 18.70 24.75 26.64
C GLY A 289 17.28 24.51 26.18
N VAL A 290 17.10 23.66 25.21
CA VAL A 290 15.80 23.37 24.64
C VAL A 290 15.22 22.11 25.25
N LEU A 291 13.92 22.17 25.57
CA LEU A 291 13.20 21.04 26.15
C LEU A 291 12.39 20.26 25.09
N ASP A 292 11.91 20.97 24.06
CA ASP A 292 11.05 20.35 23.01
C ASP A 292 11.14 21.26 21.79
N GLU A 293 10.94 20.66 20.62
CA GLU A 293 10.85 21.37 19.39
C GLU A 293 9.78 20.70 18.55
N TYR A 294 8.82 21.45 18.06
CA TYR A 294 7.85 20.90 17.09
C TYR A 294 7.95 21.74 15.83
N ARG A 295 7.89 21.11 14.66
CA ARG A 295 7.97 21.79 13.37
C ARG A 295 6.90 21.28 12.43
N GLU A 296 6.34 22.14 11.61
CA GLU A 296 5.26 21.75 10.68
C GLU A 296 5.23 22.75 9.55
N LYS A 297 4.93 22.28 8.34
CA LYS A 297 4.75 23.20 7.21
C LYS A 297 3.37 23.81 7.26
N ILE A 298 3.32 25.13 7.03
CA ILE A 298 2.07 25.89 6.97
C ILE A 298 2.08 26.82 5.77
N GLY A 299 0.92 27.34 5.37
CA GLY A 299 0.87 28.20 4.19
C GLY A 299 0.09 29.47 4.53
N ILE A 300 0.66 30.62 4.15
CA ILE A 300 0.02 31.88 4.47
C ILE A 300 -1.07 32.16 3.45
N ARG A 301 -2.33 32.13 3.89
CA ARG A 301 -3.45 32.39 3.02
C ARG A 301 -4.65 32.77 3.84
N THR A 302 -5.56 33.55 3.24
CA THR A 302 -6.83 33.87 3.86
C THR A 302 -7.98 33.34 3.02
N VAL A 303 -9.05 32.94 3.69
CA VAL A 303 -10.29 32.58 3.01
C VAL A 303 -11.40 33.35 3.67
N ARG A 304 -12.25 33.95 2.88
CA ARG A 304 -13.45 34.49 3.44
C ARG A 304 -14.59 34.58 2.46
N ILE A 305 -15.78 34.74 2.97
CA ILE A 305 -16.97 34.84 2.12
C ILE A 305 -17.36 36.31 2.09
N GLU A 306 -17.50 36.85 0.87
CA GLU A 306 -17.94 38.23 0.69
C GLU A 306 -19.12 38.24 -0.27
N GLY A 307 -20.31 38.50 0.25
CA GLY A 307 -21.50 38.42 -0.59
C GLY A 307 -21.61 36.99 -1.13
N THR A 308 -21.80 36.87 -2.42
CA THR A 308 -21.89 35.53 -3.03
C THR A 308 -20.56 34.95 -3.47
N LYS A 309 -19.46 35.58 -3.14
CA LYS A 309 -18.15 35.13 -3.54
C LYS A 309 -17.35 34.45 -2.45
N ILE A 310 -16.54 33.47 -2.84
CA ILE A 310 -15.52 32.89 -1.98
C ILE A 310 -14.18 33.51 -2.37
N LEU A 311 -13.55 34.15 -1.39
CA LEU A 311 -12.29 34.85 -1.64
C LEU A 311 -11.12 34.09 -1.03
N LEU A 312 -10.10 33.88 -1.84
CA LEU A 312 -8.85 33.29 -1.40
C LEU A 312 -7.79 34.35 -1.61
N ASN A 313 -7.15 34.78 -0.54
CA ASN A 313 -6.18 35.86 -0.61
C ASN A 313 -6.78 37.06 -1.36
N ASP A 314 -8.04 37.34 -1.04
CA ASP A 314 -8.70 38.55 -1.53
C ASP A 314 -9.11 38.49 -3.00
N ARG A 315 -9.12 37.30 -3.60
CA ARG A 315 -9.54 37.19 -4.95
C ARG A 315 -10.58 36.09 -5.05
N PRO A 316 -11.61 36.30 -5.84
CA PRO A 316 -12.63 35.26 -5.94
C PRO A 316 -12.05 33.97 -6.53
N VAL A 317 -12.55 32.86 -5.99
CA VAL A 317 -12.21 31.55 -6.53
C VAL A 317 -13.54 30.79 -6.72
N TYR A 318 -13.60 30.03 -7.81
CA TYR A 318 -14.76 29.20 -8.10
C TYR A 318 -14.30 27.76 -7.86
N LEU A 319 -14.97 27.05 -6.97
CA LEU A 319 -14.50 25.68 -6.64
C LEU A 319 -14.80 24.71 -7.78
N LYS A 320 -13.80 23.87 -8.10
CA LYS A 320 -13.94 22.93 -9.21
C LYS A 320 -13.35 21.60 -8.78
N GLY A 321 -14.15 20.54 -8.69
CA GLY A 321 -13.52 19.29 -8.26
C GLY A 321 -14.58 18.26 -7.97
N PHE A 322 -14.33 17.53 -6.88
CA PHE A 322 -15.08 16.31 -6.58
C PHE A 322 -15.27 16.07 -5.13
N GLY A 323 -16.34 15.32 -4.82
CA GLY A 323 -16.31 14.52 -3.60
C GLY A 323 -15.50 13.25 -3.86
N LYS A 324 -14.71 12.81 -2.88
CA LYS A 324 -13.89 11.58 -3.00
C LYS A 324 -14.38 10.56 -1.99
N HIS A 325 -13.61 9.49 -1.83
CA HIS A 325 -13.77 8.53 -0.72
C HIS A 325 -12.35 8.05 -0.45
N GLU A 326 -12.13 7.48 0.73
CA GLU A 326 -10.90 6.69 0.90
C GLU A 326 -11.30 5.28 0.50
N ASP A 327 -10.96 4.88 -0.72
CA ASP A 327 -11.50 3.65 -1.27
C ASP A 327 -10.62 3.20 -2.44
N PHE A 328 -10.19 1.93 -2.42
CA PHE A 328 -9.32 1.43 -3.45
C PHE A 328 -9.44 -0.08 -3.44
N PRO A 329 -9.22 -0.72 -4.58
CA PRO A 329 -9.34 -2.18 -4.57
C PRO A 329 -8.43 -2.86 -3.54
N ILE A 330 -9.04 -3.87 -2.90
CA ILE A 330 -8.46 -4.78 -1.89
C ILE A 330 -8.15 -4.07 -0.53
N LEU A 331 -7.48 -2.94 -0.60
CA LEU A 331 -7.14 -2.19 0.62
C LEU A 331 -8.37 -1.56 1.30
N GLY A 332 -9.48 -1.37 0.57
CA GLY A 332 -10.64 -0.72 1.18
C GLY A 332 -10.32 0.74 1.45
N ARG A 333 -10.41 1.15 2.70
CA ARG A 333 -10.04 2.53 3.05
C ARG A 333 -8.60 2.63 3.52
N GLY A 334 -7.83 1.55 3.37
CA GLY A 334 -6.47 1.58 3.87
C GLY A 334 -5.63 2.67 3.22
N PHE A 335 -4.85 3.35 4.02
CA PHE A 335 -4.01 4.43 3.49
C PHE A 335 -2.81 3.91 2.69
N HIS A 336 -2.52 4.57 1.58
CA HIS A 336 -1.30 4.31 0.84
C HIS A 336 -0.94 5.54 0.05
N TRP A 337 0.32 5.96 0.16
CA TRP A 337 0.71 7.17 -0.57
C TRP A 337 0.52 7.02 -2.08
N GLY A 338 0.57 5.79 -2.59
CA GLY A 338 0.38 5.61 -4.03
C GLY A 338 -1.00 6.04 -4.50
N ILE A 339 -2.00 5.80 -3.64
CA ILE A 339 -3.37 6.21 -3.98
C ILE A 339 -3.43 7.73 -4.00
N VAL A 340 -2.80 8.35 -2.98
CA VAL A 340 -2.72 9.83 -3.00
C VAL A 340 -2.07 10.33 -4.27
N LYS A 341 -0.92 9.75 -4.63
CA LYS A 341 -0.22 10.30 -5.82
C LYS A 341 -1.07 10.16 -7.08
N ARG A 342 -1.61 8.95 -7.34
CA ARG A 342 -2.43 8.79 -8.55
C ARG A 342 -3.62 9.74 -8.53
N ASP A 343 -4.27 9.84 -7.36
CA ASP A 343 -5.49 10.64 -7.34
C ASP A 343 -5.18 12.11 -7.60
N PHE A 344 -4.09 12.61 -7.01
CA PHE A 344 -3.74 14.00 -7.31
C PHE A 344 -3.30 14.20 -8.75
N GLU A 345 -2.58 13.24 -9.37
CA GLU A 345 -2.28 13.44 -10.77
C GLU A 345 -3.57 13.49 -11.62
N CYS A 346 -4.54 12.59 -11.32
CA CYS A 346 -5.84 12.71 -12.03
C CYS A 346 -6.58 14.00 -11.78
N LEU A 347 -6.60 14.45 -10.52
CA LEU A 347 -7.21 15.76 -10.22
C LEU A 347 -6.58 16.87 -11.01
N LYS A 348 -5.25 16.90 -11.02
CA LYS A 348 -4.57 17.99 -11.78
C LYS A 348 -4.93 17.92 -13.27
N TRP A 349 -4.98 16.69 -13.80
CA TRP A 349 -5.28 16.53 -15.22
C TRP A 349 -6.67 17.03 -15.54
N THR A 350 -7.62 16.90 -14.61
CA THR A 350 -8.94 17.50 -14.86
C THR A 350 -8.99 19.03 -14.68
N ASN A 351 -7.90 19.63 -14.19
CA ASN A 351 -7.89 21.07 -13.86
C ASN A 351 -8.76 21.42 -12.66
N ALA A 352 -8.98 20.43 -11.80
CA ALA A 352 -9.65 20.67 -10.52
C ALA A 352 -8.83 21.56 -9.59
N ASN A 353 -9.51 22.18 -8.61
CA ASN A 353 -8.79 22.86 -7.53
C ASN A 353 -9.26 22.50 -6.15
N CYS A 354 -10.20 21.57 -6.03
CA CYS A 354 -10.83 21.36 -4.73
C CYS A 354 -11.37 19.94 -4.59
N PHE A 355 -11.34 19.40 -3.38
CA PHE A 355 -12.22 18.29 -3.08
C PHE A 355 -12.77 18.36 -1.67
N ARG A 356 -13.90 17.68 -1.50
CA ARG A 356 -14.51 17.48 -0.19
C ARG A 356 -14.15 16.11 0.33
N THR A 357 -13.84 16.01 1.63
CA THR A 357 -13.51 14.70 2.23
C THR A 357 -14.82 13.99 2.61
N SER A 358 -15.60 13.76 1.58
CA SER A 358 -16.87 13.03 1.79
C SER A 358 -16.51 11.58 2.23
N HIS A 359 -17.16 10.99 3.27
CA HIS A 359 -17.98 11.68 4.23
C HIS A 359 -17.40 11.46 5.63
N TYR A 360 -16.13 11.79 5.78
CA TYR A 360 -15.40 11.54 7.05
C TYR A 360 -14.03 12.18 6.86
N PRO A 361 -13.39 12.56 7.95
CA PRO A 361 -12.03 13.08 7.75
C PRO A 361 -11.15 11.97 7.18
N TYR A 362 -10.22 12.36 6.31
CA TYR A 362 -9.34 11.38 5.69
C TYR A 362 -8.05 11.26 6.49
N ALA A 363 -7.21 10.32 6.08
CA ALA A 363 -5.87 10.23 6.69
C ALA A 363 -5.15 11.57 6.53
N GLU A 364 -4.33 11.94 7.55
CA GLU A 364 -3.68 13.24 7.58
C GLU A 364 -2.86 13.49 6.36
N GLU A 365 -2.27 12.40 5.83
CA GLU A 365 -1.43 12.53 4.69
C GLU A 365 -2.11 13.17 3.48
N TRP A 366 -3.43 13.00 3.32
CA TRP A 366 -4.13 13.63 2.20
C TRP A 366 -4.05 15.15 2.25
N TYR A 367 -4.12 15.68 3.46
CA TYR A 367 -4.08 17.12 3.66
C TYR A 367 -2.68 17.64 3.52
N GLN A 368 -1.68 16.91 4.03
CA GLN A 368 -0.30 17.27 3.81
C GLN A 368 -0.04 17.44 2.33
N PHE A 369 -0.57 16.50 1.53
CA PHE A 369 -0.30 16.55 0.12
C PHE A 369 -1.10 17.64 -0.57
N ALA A 370 -2.35 17.85 -0.17
CA ALA A 370 -3.08 19.00 -0.71
C ALA A 370 -2.34 20.34 -0.42
N ASP A 371 -1.68 20.42 0.73
CA ASP A 371 -0.97 21.64 1.08
C ASP A 371 0.14 21.86 0.08
N GLU A 372 0.79 20.78 -0.31
CA GLU A 372 1.90 20.86 -1.28
C GLU A 372 1.45 21.18 -2.70
N GLU A 373 0.31 20.67 -3.04
CA GLU A 373 -0.19 20.79 -4.41
C GLU A 373 -1.12 21.98 -4.59
N GLY A 374 -1.39 22.71 -3.53
CA GLY A 374 -2.29 23.85 -3.68
C GLY A 374 -3.76 23.53 -3.89
N PHE A 375 -4.23 22.38 -3.37
CA PHE A 375 -5.63 22.07 -3.46
C PHE A 375 -6.40 22.60 -2.28
N LEU A 376 -7.64 22.97 -2.55
CA LEU A 376 -8.58 23.44 -1.52
C LEU A 376 -9.38 22.27 -1.00
N ILE A 377 -9.52 22.17 0.32
CA ILE A 377 -10.31 21.08 0.93
C ILE A 377 -11.49 21.60 1.75
N ILE A 378 -12.65 20.99 1.54
CA ILE A 378 -13.77 21.07 2.46
C ILE A 378 -13.70 19.82 3.34
N ASP A 379 -13.39 20.01 4.62
CA ASP A 379 -13.11 18.89 5.55
C ASP A 379 -14.42 18.50 6.23
N GLU A 380 -14.87 17.24 6.06
CA GLU A 380 -16.20 16.83 6.49
C GLU A 380 -16.16 15.85 7.63
N VAL A 381 -16.94 16.13 8.68
CA VAL A 381 -17.12 15.25 9.84
C VAL A 381 -18.08 14.11 9.42
N PRO A 382 -18.04 12.91 10.07
CA PRO A 382 -18.85 11.80 9.49
C PRO A 382 -20.34 11.82 9.82
N ALA A 383 -20.93 13.00 9.76
CA ALA A 383 -22.32 13.17 10.15
C ALA A 383 -23.24 12.90 8.98
N VAL A 384 -23.31 11.61 8.67
CA VAL A 384 -24.06 11.15 7.53
C VAL A 384 -24.90 10.03 8.10
N GLY A 385 -26.09 9.89 7.54
CA GLY A 385 -27.01 8.84 7.95
C GLY A 385 -28.02 9.32 9.00
N MET A 386 -28.34 10.63 8.99
CA MET A 386 -29.25 11.23 9.99
C MET A 386 -30.63 11.75 9.45
N MET A 387 -31.34 10.97 8.69
CA MET A 387 -32.71 11.32 8.27
C MET A 387 -33.48 10.02 8.02
N ARG A 388 -34.77 9.98 8.34
CA ARG A 388 -35.54 8.78 7.95
C ARG A 388 -36.12 8.99 6.54
N SER A 389 -36.20 8.00 5.70
CA SER A 389 -35.66 6.68 5.98
C SER A 389 -34.18 6.58 5.58
N PHE A 405 -34.52 13.57 14.62
CA PHE A 405 -33.94 14.41 15.65
C PHE A 405 -34.89 14.57 16.85
N GLU A 406 -35.75 13.57 17.03
CA GLU A 406 -36.74 13.55 18.11
C GLU A 406 -36.61 12.31 19.02
N ALA A 407 -35.71 11.39 18.66
CA ALA A 407 -35.45 10.19 19.47
C ALA A 407 -34.72 10.54 20.77
N LEU A 408 -34.90 9.73 21.80
CA LEU A 408 -34.19 9.94 23.09
C LEU A 408 -32.69 9.70 22.99
N THR A 409 -32.25 9.16 21.85
CA THR A 409 -30.84 8.94 21.56
C THR A 409 -30.14 10.20 21.07
N VAL A 410 -30.91 11.21 20.70
CA VAL A 410 -30.35 12.39 20.03
C VAL A 410 -29.35 13.15 20.90
N PRO A 411 -29.63 13.31 22.21
CA PRO A 411 -28.60 14.04 22.96
C PRO A 411 -27.25 13.30 22.98
N GLU A 412 -27.28 11.97 22.98
CA GLU A 412 -26.04 11.20 22.93
C GLU A 412 -25.37 11.37 21.55
N LEU A 413 -26.18 11.35 20.51
CA LEU A 413 -25.67 11.55 19.13
C LEU A 413 -25.01 12.93 19.01
N LEU A 414 -25.64 13.94 19.59
CA LEU A 414 -25.08 15.29 19.54
C LEU A 414 -23.72 15.34 20.22
N LYS A 415 -23.59 14.69 21.37
CA LYS A 415 -22.34 14.68 22.08
C LYS A 415 -21.25 14.05 21.18
N SER A 416 -21.60 12.95 20.52
CA SER A 416 -20.64 12.28 19.62
C SER A 416 -20.23 13.17 18.46
N HIS A 417 -21.22 13.81 17.86
CA HIS A 417 -21.01 14.68 16.71
C HIS A 417 -20.12 15.86 17.12
N ILE A 418 -20.40 16.46 18.28
CA ILE A 418 -19.54 17.55 18.72
C ILE A 418 -18.11 17.10 19.04
N ALA A 419 -17.96 15.91 19.60
CA ALA A 419 -16.61 15.39 19.88
C ALA A 419 -15.81 15.15 18.58
N ASP A 420 -16.46 14.56 17.59
CA ASP A 420 -15.77 14.33 16.32
C ASP A 420 -15.43 15.66 15.66
N THR A 421 -16.27 16.67 15.82
CA THR A 421 -16.02 17.98 15.23
C THR A 421 -14.79 18.62 15.93
N GLU A 422 -14.76 18.53 17.27
CA GLU A 422 -13.60 19.04 18.01
C GLU A 422 -12.30 18.38 17.56
N GLU A 423 -12.35 17.05 17.44
CA GLU A 423 -11.13 16.32 17.05
C GLU A 423 -10.72 16.69 15.62
N MET A 424 -11.67 16.73 14.67
CA MET A 424 -11.34 17.08 13.31
C MET A 424 -10.71 18.45 13.21
N ILE A 425 -11.34 19.45 13.84
CA ILE A 425 -10.83 20.80 13.70
C ILE A 425 -9.48 20.94 14.41
N THR A 426 -9.35 20.34 15.59
CA THR A 426 -8.05 20.41 16.26
C THR A 426 -6.95 19.74 15.43
N ARG A 427 -7.31 18.62 14.76
CA ARG A 427 -6.30 17.95 13.97
C ARG A 427 -5.91 18.74 12.71
N ASP A 428 -6.90 19.37 12.06
CA ASP A 428 -6.70 19.80 10.65
C ASP A 428 -6.60 21.31 10.46
N LYS A 429 -6.77 22.07 11.53
CA LYS A 429 -6.89 23.53 11.38
C LYS A 429 -5.68 24.23 10.77
N ASN A 430 -4.47 23.66 10.94
CA ASN A 430 -3.28 24.40 10.49
C ASN A 430 -2.85 24.03 9.07
N HIS A 431 -3.64 23.19 8.37
CA HIS A 431 -3.41 22.99 6.96
C HIS A 431 -3.90 24.16 6.15
N PRO A 432 -3.03 24.77 5.30
CA PRO A 432 -3.58 25.83 4.44
C PRO A 432 -4.64 25.31 3.46
N SER A 433 -4.57 24.04 3.10
CA SER A 433 -5.57 23.53 2.16
C SER A 433 -6.98 23.54 2.74
N VAL A 434 -7.12 23.39 4.04
CA VAL A 434 -8.47 23.27 4.60
C VAL A 434 -9.09 24.68 4.67
N ILE A 435 -10.07 24.92 3.82
CA ILE A 435 -10.69 26.22 3.76
C ILE A 435 -12.12 26.27 4.25
N ALA A 436 -12.69 25.13 4.62
CA ALA A 436 -14.07 25.07 5.08
C ALA A 436 -14.28 23.78 5.83
N TRP A 437 -15.27 23.78 6.73
CA TRP A 437 -15.67 22.60 7.48
C TRP A 437 -17.05 22.23 7.05
N SER A 438 -17.28 20.98 6.64
CA SER A 438 -18.62 20.52 6.44
C SER A 438 -19.08 19.73 7.66
N LEU A 439 -20.20 20.14 8.23
CA LEU A 439 -20.59 19.62 9.54
C LEU A 439 -21.74 18.62 9.45
N PHE A 440 -22.18 18.34 8.23
CA PHE A 440 -23.24 17.34 8.01
C PHE A 440 -23.35 17.01 6.52
N ASN A 441 -23.91 15.84 6.22
CA ASN A 441 -24.26 15.47 4.85
C ASN A 441 -25.65 14.88 4.86
N GLU A 442 -26.62 15.65 4.33
CA GLU A 442 -28.01 15.22 4.13
C GLU A 442 -28.78 14.78 5.39
N PRO A 443 -28.70 15.60 6.47
CA PRO A 443 -29.57 15.39 7.61
C PRO A 443 -30.99 15.93 7.36
N GLU A 444 -31.91 15.62 8.28
CA GLU A 444 -33.17 16.36 8.33
C GLU A 444 -32.88 17.81 8.81
N THR A 445 -33.47 18.81 8.17
CA THR A 445 -33.21 20.22 8.55
C THR A 445 -34.45 21.06 8.63
N ILE A 446 -35.63 20.47 8.53
CA ILE A 446 -36.84 21.29 8.39
C ILE A 446 -37.65 21.36 9.69
N THR A 447 -37.13 20.81 10.77
CA THR A 447 -37.81 20.91 12.09
C THR A 447 -37.07 21.85 13.02
N ASP A 448 -37.74 22.35 14.06
CA ASP A 448 -37.08 23.24 15.02
C ASP A 448 -36.05 22.48 15.84
N TYR A 449 -36.39 21.22 16.13
CA TYR A 449 -35.45 20.27 16.73
C TYR A 449 -34.13 20.25 15.95
N ALA A 450 -34.21 20.12 14.63
CA ALA A 450 -32.98 20.02 13.85
C ALA A 450 -32.22 21.33 13.96
N TYR A 451 -32.91 22.47 13.93
CA TYR A 451 -32.22 23.73 14.06
C TYR A 451 -31.49 23.82 15.39
N GLU A 452 -32.12 23.35 16.47
CA GLU A 452 -31.50 23.45 17.80
C GLU A 452 -30.27 22.54 17.91
N TYR A 453 -30.37 21.36 17.29
CA TYR A 453 -29.25 20.40 17.23
C TYR A 453 -28.07 21.05 16.51
N PHE A 454 -28.30 21.53 15.29
CA PHE A 454 -27.19 22.10 14.52
C PHE A 454 -26.63 23.42 15.07
N LYS A 455 -27.47 24.20 15.76
CA LYS A 455 -26.96 25.38 16.42
C LYS A 455 -25.85 24.99 17.41
N GLU A 456 -26.06 23.90 18.14
CA GLU A 456 -25.02 23.45 19.10
C GLU A 456 -23.75 22.98 18.39
N VAL A 457 -23.93 22.23 17.29
CA VAL A 457 -22.76 21.78 16.53
C VAL A 457 -21.91 22.93 15.98
N PHE A 458 -22.59 23.90 15.36
CA PHE A 458 -21.92 25.05 14.78
C PHE A 458 -21.27 25.91 15.86
N ALA A 459 -21.95 26.06 17.00
CA ALA A 459 -21.34 26.82 18.11
C ALA A 459 -20.06 26.16 18.61
N ALA A 460 -20.06 24.85 18.74
CA ALA A 460 -18.86 24.15 19.14
C ALA A 460 -17.75 24.29 18.11
N ALA A 461 -18.07 24.08 16.82
CA ALA A 461 -17.09 24.21 15.78
C ALA A 461 -16.41 25.60 15.82
N GLU A 462 -17.23 26.62 16.01
CA GLU A 462 -16.71 27.97 16.08
C GLU A 462 -15.72 28.14 17.21
N THR A 463 -15.99 27.52 18.36
CA THR A 463 -15.04 27.68 19.45
C THR A 463 -13.70 27.00 19.17
N TYR A 464 -13.71 25.94 18.35
CA TYR A 464 -12.48 25.20 18.12
C TYR A 464 -11.60 25.70 17.00
N ASP A 465 -12.17 26.44 16.05
CA ASP A 465 -11.38 26.93 14.95
C ASP A 465 -10.82 28.34 15.18
N PHE A 466 -9.53 28.39 15.49
CA PHE A 466 -8.83 29.65 15.66
C PHE A 466 -8.98 30.63 14.49
N GLN A 467 -9.15 30.10 13.28
CA GLN A 467 -9.31 30.93 12.06
C GLN A 467 -10.76 31.34 11.75
N SER A 468 -11.74 30.72 12.40
CA SER A 468 -13.14 30.97 12.12
C SER A 468 -13.45 30.90 10.64
N ARG A 469 -12.92 29.88 9.97
CA ARG A 469 -13.12 29.77 8.54
C ARG A 469 -14.51 29.19 8.24
N PRO A 470 -14.89 29.20 6.97
CA PRO A 470 -16.31 28.93 6.64
C PRO A 470 -16.80 27.56 7.11
N MET A 471 -18.02 27.50 7.63
CA MET A 471 -18.68 26.30 8.04
C MET A 471 -19.94 26.11 7.23
N THR A 472 -20.17 24.88 6.85
CA THR A 472 -21.24 24.55 5.94
C THR A 472 -21.71 23.12 6.28
N GLY A 473 -22.61 22.64 5.43
CA GLY A 473 -22.91 21.24 5.35
C GLY A 473 -23.66 21.00 4.03
N ALA A 474 -23.78 19.74 3.63
CA ALA A 474 -24.42 19.43 2.37
C ALA A 474 -25.89 19.05 2.59
N PHE A 475 -26.76 19.74 1.87
CA PHE A 475 -28.20 19.54 1.97
C PHE A 475 -28.76 18.67 0.86
N GLU A 476 -29.62 17.76 1.25
CA GLU A 476 -30.36 16.98 0.31
C GLU A 476 -31.66 17.75 -0.11
N LYS A 477 -32.31 17.28 -1.18
CA LYS A 477 -33.43 17.99 -1.75
C LYS A 477 -34.60 18.14 -0.81
N ASN A 478 -34.75 17.24 0.11
CA ASN A 478 -35.85 17.31 1.08
C ASN A 478 -35.79 18.60 1.90
N SER A 479 -34.59 19.20 2.00
CA SER A 479 -34.41 20.51 2.65
C SER A 479 -34.87 21.62 1.69
N LYS A 480 -36.18 21.69 1.47
CA LYS A 480 -36.69 22.65 0.48
C LYS A 480 -36.48 24.08 0.94
N PRO A 481 -36.29 24.99 0.00
CA PRO A 481 -36.06 26.40 0.34
C PRO A 481 -37.19 26.98 1.18
N GLU A 482 -38.40 26.47 1.03
CA GLU A 482 -39.54 26.92 1.82
C GLU A 482 -39.59 26.36 3.21
N LEU A 483 -38.87 25.28 3.43
CA LEU A 483 -38.98 24.51 4.68
C LEU A 483 -37.71 24.48 5.52
N CYS A 484 -36.55 24.58 4.88
CA CYS A 484 -35.29 24.38 5.62
C CYS A 484 -35.09 25.43 6.71
N LYS A 485 -34.77 24.98 7.91
CA LYS A 485 -34.43 25.89 9.01
C LYS A 485 -32.93 26.02 9.31
N CYS A 486 -32.09 25.28 8.60
CA CYS A 486 -30.69 25.26 8.99
C CYS A 486 -29.76 26.00 8.04
N TYR A 487 -30.19 26.33 6.81
CA TYR A 487 -29.26 27.03 5.93
C TYR A 487 -28.75 28.38 6.52
N PRO A 488 -29.53 29.05 7.39
CA PRO A 488 -28.97 30.29 7.94
C PRO A 488 -27.73 30.11 8.83
N LEU A 489 -27.49 28.89 9.30
CA LEU A 489 -26.29 28.65 10.11
C LEU A 489 -25.01 28.61 9.27
N CYS A 490 -25.20 28.52 7.96
CA CYS A 490 -24.04 28.24 7.09
C CYS A 490 -23.38 29.47 6.51
N ASP A 491 -22.04 29.51 6.47
CA ASP A 491 -21.39 30.59 5.79
C ASP A 491 -21.61 30.60 4.26
N PHE A 492 -21.70 29.42 3.68
CA PHE A 492 -22.14 29.25 2.31
C PHE A 492 -22.88 27.93 2.26
N ILE A 493 -23.70 27.75 1.21
CA ILE A 493 -24.66 26.66 1.21
C ILE A 493 -24.21 25.62 0.18
N CYS A 494 -24.17 24.36 0.61
CA CYS A 494 -23.78 23.23 -0.29
C CYS A 494 -25.02 22.41 -0.58
N LEU A 495 -25.28 22.17 -1.87
CA LEU A 495 -26.44 21.39 -2.31
C LEU A 495 -25.98 20.09 -3.01
N ASN A 496 -26.60 18.98 -2.59
CA ASN A 496 -26.50 17.71 -3.31
C ASN A 496 -27.75 17.58 -4.17
N ARG A 497 -27.60 17.48 -5.50
CA ARG A 497 -28.82 17.40 -6.31
C ARG A 497 -28.62 16.42 -7.44
N TYR A 498 -29.70 15.72 -7.76
CA TYR A 498 -29.66 14.62 -8.75
C TYR A 498 -30.85 14.74 -9.74
N TYR A 499 -31.06 15.99 -10.17
CA TYR A 499 -32.02 16.28 -11.25
C TYR A 499 -31.45 15.68 -12.50
N GLY A 500 -32.14 14.67 -13.02
CA GLY A 500 -31.67 13.97 -14.21
C GLY A 500 -31.11 12.58 -13.84
N TRP A 501 -31.09 12.25 -12.56
CA TRP A 501 -30.75 10.86 -12.17
C TRP A 501 -31.88 10.30 -11.32
N TYR A 502 -31.96 10.66 -10.04
CA TYR A 502 -33.06 10.17 -9.20
C TYR A 502 -34.40 10.88 -9.47
N ILE A 503 -34.36 12.07 -10.03
CA ILE A 503 -35.53 12.84 -10.39
C ILE A 503 -35.57 13.08 -11.89
N SER A 504 -36.60 12.56 -12.55
CA SER A 504 -36.86 12.81 -13.96
C SER A 504 -35.63 12.48 -14.79
N GLY A 505 -35.10 11.28 -14.59
CA GLY A 505 -33.97 10.85 -15.41
C GLY A 505 -34.32 10.36 -16.82
N GLY A 506 -33.31 10.34 -17.71
CA GLY A 506 -33.49 9.59 -18.94
C GLY A 506 -34.40 10.37 -19.90
N PRO A 507 -35.47 9.74 -20.38
CA PRO A 507 -36.36 10.44 -21.33
C PRO A 507 -36.98 11.68 -20.71
N GLU A 508 -36.94 11.80 -19.38
CA GLU A 508 -37.54 12.99 -18.71
C GLU A 508 -36.52 14.07 -18.37
N ILE A 509 -35.30 13.97 -18.94
CA ILE A 509 -34.27 14.92 -18.54
C ILE A 509 -34.64 16.40 -18.82
N GLU A 510 -35.46 16.67 -19.84
CA GLU A 510 -35.85 18.10 -20.01
C GLU A 510 -36.77 18.54 -18.87
N GLU A 511 -37.59 17.63 -18.36
CA GLU A 511 -38.41 17.95 -17.18
C GLU A 511 -37.50 18.14 -15.98
N ALA A 512 -36.43 17.32 -15.88
CA ALA A 512 -35.50 17.48 -14.77
C ALA A 512 -34.87 18.86 -14.76
N GLU A 513 -34.46 19.34 -15.94
CA GLU A 513 -33.82 20.65 -16.05
C GLU A 513 -34.82 21.76 -15.59
N GLU A 514 -36.07 21.63 -15.99
CA GLU A 514 -37.08 22.62 -15.57
C GLU A 514 -37.31 22.55 -14.07
N LEU A 515 -37.39 21.35 -13.50
CA LEU A 515 -37.56 21.25 -12.04
C LEU A 515 -36.34 21.90 -11.35
N PHE A 516 -35.17 21.72 -11.92
CA PHE A 516 -33.97 22.23 -11.26
C PHE A 516 -33.97 23.77 -11.28
N ARG A 517 -34.25 24.33 -12.43
CA ARG A 517 -34.35 25.79 -12.57
C ARG A 517 -35.45 26.30 -11.66
N ASP A 518 -36.54 25.56 -11.51
CA ASP A 518 -37.62 26.06 -10.63
C ASP A 518 -37.11 26.16 -9.19
N GLU A 519 -36.36 25.16 -8.73
CA GLU A 519 -35.83 25.21 -7.37
C GLU A 519 -34.80 26.34 -7.25
N MET A 520 -33.89 26.47 -8.21
CA MET A 520 -32.86 27.50 -8.10
C MET A 520 -33.49 28.89 -8.17
N ASP A 521 -34.62 29.01 -8.90
CA ASP A 521 -35.34 30.30 -8.92
C ASP A 521 -35.87 30.62 -7.54
N ARG A 522 -36.28 29.57 -6.84
CA ARG A 522 -36.79 29.69 -5.48
C ARG A 522 -35.68 30.19 -4.56
N TRP A 523 -34.49 29.62 -4.70
CA TRP A 523 -33.36 30.09 -3.90
C TRP A 523 -32.98 31.52 -4.29
N LYS A 524 -33.00 31.81 -5.56
CA LYS A 524 -32.65 33.13 -6.06
C LYS A 524 -33.54 34.18 -5.43
N ALA A 525 -34.81 33.87 -5.39
CA ALA A 525 -35.82 34.84 -4.89
C ALA A 525 -35.68 35.12 -3.42
N LYS A 526 -34.99 34.23 -2.68
CA LYS A 526 -34.79 34.46 -1.25
C LYS A 526 -33.72 35.54 -1.01
N GLU A 527 -32.93 35.85 -2.04
CA GLU A 527 -31.92 36.92 -1.98
C GLU A 527 -31.05 36.80 -0.75
N LEU A 528 -30.53 35.59 -0.50
CA LEU A 528 -29.74 35.32 0.69
C LEU A 528 -28.34 35.97 0.71
N ASN A 529 -27.89 36.34 -0.47
CA ASN A 529 -26.58 36.92 -0.64
C ASN A 529 -25.49 36.04 -0.07
N VAL A 530 -25.57 34.72 -0.31
CA VAL A 530 -24.49 33.79 0.09
C VAL A 530 -24.11 32.93 -1.12
N PRO A 531 -22.85 32.43 -1.11
CA PRO A 531 -22.45 31.54 -2.23
C PRO A 531 -23.15 30.20 -2.03
N PHE A 532 -23.49 29.62 -3.20
CA PHE A 532 -23.96 28.23 -3.27
C PHE A 532 -22.89 27.39 -4.00
N VAL A 533 -22.62 26.22 -3.45
CA VAL A 533 -21.70 25.27 -4.06
C VAL A 533 -22.47 23.95 -4.25
N PHE A 534 -22.45 23.40 -5.47
CA PHE A 534 -23.01 22.05 -5.62
C PHE A 534 -21.99 21.01 -5.18
N THR A 535 -22.27 20.27 -4.12
CA THR A 535 -21.30 19.32 -3.55
C THR A 535 -21.58 17.93 -4.09
N GLU A 536 -22.73 17.72 -4.72
CA GLU A 536 -22.94 16.43 -5.42
C GLU A 536 -23.87 16.64 -6.60
N PHE A 537 -23.56 15.90 -7.66
CA PHE A 537 -24.41 15.70 -8.84
C PHE A 537 -23.69 14.61 -9.64
N GLY A 538 -24.43 13.69 -10.24
CA GLY A 538 -23.75 12.62 -10.99
C GLY A 538 -24.76 11.58 -11.42
N THR A 539 -24.28 10.61 -12.19
CA THR A 539 -25.11 9.50 -12.72
C THR A 539 -24.33 8.21 -12.61
N ASP A 540 -24.94 7.12 -12.19
CA ASP A 540 -24.18 5.86 -12.29
C ASP A 540 -23.88 5.58 -13.73
N THR A 541 -22.62 5.16 -13.97
CA THR A 541 -22.15 5.06 -15.35
C THR A 541 -21.27 3.82 -15.41
N MET A 542 -21.67 2.85 -16.22
CA MET A 542 -20.82 1.68 -16.31
C MET A 542 -19.78 1.86 -17.39
N ALA A 543 -18.51 1.79 -17.05
CA ALA A 543 -17.53 1.90 -18.09
C ALA A 543 -17.78 0.90 -19.21
N GLY A 544 -17.72 1.41 -20.44
CA GLY A 544 -17.95 0.55 -21.59
C GLY A 544 -19.38 0.41 -22.05
N LEU A 545 -20.32 0.93 -21.25
CA LEU A 545 -21.73 0.88 -21.69
C LEU A 545 -21.97 2.07 -22.56
N HIS A 546 -22.10 1.82 -23.86
CA HIS A 546 -22.29 2.86 -24.84
C HIS A 546 -23.65 2.75 -25.48
N LYS A 547 -24.35 3.87 -25.71
CA LYS A 547 -25.63 3.77 -26.40
C LYS A 547 -25.92 5.09 -27.11
N LEU A 548 -26.51 4.95 -28.29
CA LEU A 548 -26.89 6.07 -29.16
C LEU A 548 -28.29 5.80 -29.65
N PRO A 549 -29.28 6.57 -29.19
CA PRO A 549 -29.17 7.63 -28.20
C PRO A 549 -28.88 7.08 -26.83
N SER A 550 -28.41 7.96 -25.97
CA SER A 550 -27.93 7.55 -24.67
C SER A 550 -29.04 7.01 -23.80
N ILE A 551 -28.64 6.20 -22.81
CA ILE A 551 -29.53 5.73 -21.76
C ILE A 551 -28.90 6.00 -20.39
N MET A 552 -29.76 6.09 -19.38
CA MET A 552 -29.25 6.06 -18.01
C MET A 552 -28.31 4.86 -17.84
N TRP A 553 -27.15 5.07 -17.23
CA TRP A 553 -26.06 4.10 -16.99
C TRP A 553 -24.97 4.11 -18.08
N SER A 554 -25.28 4.73 -19.23
CA SER A 554 -24.24 4.80 -20.29
C SER A 554 -23.27 5.93 -20.11
N GLU A 555 -22.11 5.81 -20.75
CA GLU A 555 -21.09 6.89 -20.71
C GLU A 555 -21.61 8.16 -21.36
N GLU A 556 -22.46 8.00 -22.40
CA GLU A 556 -22.94 9.17 -23.13
C GLU A 556 -23.94 9.90 -22.28
N TYR A 557 -24.74 9.18 -21.48
CA TYR A 557 -25.72 9.88 -20.66
C TYR A 557 -25.00 10.64 -19.55
N GLN A 558 -23.89 10.13 -19.03
CA GLN A 558 -23.15 10.87 -18.03
C GLN A 558 -22.72 12.21 -18.59
N LYS A 559 -22.20 12.21 -19.82
CA LYS A 559 -21.82 13.49 -20.46
C LYS A 559 -23.04 14.43 -20.59
N GLU A 560 -24.15 13.91 -21.12
CA GLU A 560 -25.34 14.78 -21.35
C GLU A 560 -25.93 15.34 -20.04
N TYR A 561 -25.95 14.50 -19.01
CA TYR A 561 -26.37 14.94 -17.70
C TYR A 561 -25.50 16.07 -17.18
N LEU A 562 -24.20 15.92 -17.34
CA LEU A 562 -23.27 16.94 -16.83
C LEU A 562 -23.51 18.24 -17.60
N GLU A 563 -23.68 18.16 -18.91
CA GLU A 563 -23.87 19.38 -19.71
C GLU A 563 -25.15 20.07 -19.27
N MET A 564 -26.20 19.32 -18.96
CA MET A 564 -27.46 19.96 -18.54
C MET A 564 -27.26 20.65 -17.20
N ASN A 565 -26.59 19.97 -16.27
CA ASN A 565 -26.34 20.58 -14.96
C ASN A 565 -25.53 21.85 -15.11
N PHE A 566 -24.50 21.85 -15.97
CA PHE A 566 -23.68 23.06 -16.13
C PHE A 566 -24.54 24.23 -16.66
N ARG A 567 -25.50 23.92 -17.55
CA ARG A 567 -26.31 25.01 -18.11
C ARG A 567 -27.10 25.64 -16.96
N VAL A 568 -27.59 24.83 -16.03
CA VAL A 568 -28.35 25.34 -14.91
C VAL A 568 -27.42 26.11 -13.97
N PHE A 569 -26.30 25.53 -13.57
CA PHE A 569 -25.39 26.21 -12.68
C PHE A 569 -25.04 27.61 -13.18
N ASP A 570 -24.70 27.67 -14.47
CA ASP A 570 -24.17 28.89 -15.09
C ASP A 570 -25.29 29.96 -15.23
N SER A 571 -26.52 29.59 -14.93
CA SER A 571 -27.63 30.55 -15.01
C SER A 571 -27.80 31.37 -13.75
N TYR A 572 -27.03 31.07 -12.71
CA TYR A 572 -27.20 31.78 -11.42
C TYR A 572 -25.90 32.37 -10.95
N GLU A 573 -25.91 33.66 -10.67
CA GLU A 573 -24.68 34.35 -10.31
C GLU A 573 -24.10 33.83 -8.99
N PHE A 574 -24.96 33.39 -8.08
CA PHE A 574 -24.52 33.07 -6.73
C PHE A 574 -23.91 31.66 -6.64
N VAL A 575 -23.95 30.93 -7.76
CA VAL A 575 -23.24 29.62 -7.73
C VAL A 575 -21.75 29.92 -7.78
N GLN A 576 -20.99 29.24 -6.92
CA GLN A 576 -19.59 29.59 -6.77
C GLN A 576 -18.73 28.33 -6.68
N GLY A 577 -19.33 27.17 -6.92
CA GLY A 577 -18.47 25.98 -6.99
C GLY A 577 -19.29 24.79 -7.43
N GLU A 578 -18.57 23.80 -7.98
CA GLU A 578 -19.17 22.54 -8.44
C GLU A 578 -18.21 21.39 -8.08
N LEU A 579 -18.67 20.49 -7.20
CA LEU A 579 -17.85 19.31 -6.86
C LEU A 579 -18.69 18.12 -7.27
N ALA A 580 -18.24 17.43 -8.30
CA ALA A 580 -19.00 16.32 -8.84
C ALA A 580 -18.98 15.06 -7.93
N TRP A 581 -20.08 14.33 -7.95
CA TRP A 581 -20.14 13.06 -7.23
C TRP A 581 -19.99 11.96 -8.28
N ASN A 582 -18.94 11.11 -8.24
CA ASN A 582 -17.80 11.09 -7.32
C ASN A 582 -16.52 11.17 -8.22
N PHE A 583 -15.38 11.48 -7.60
CA PHE A 583 -14.13 11.31 -8.28
C PHE A 583 -14.00 9.90 -8.89
N ALA A 584 -14.29 8.85 -8.11
CA ALA A 584 -14.09 7.49 -8.61
C ALA A 584 -15.18 6.56 -8.08
N ASP A 585 -15.47 5.53 -8.87
CA ASP A 585 -16.36 4.46 -8.44
C ASP A 585 -15.86 3.88 -7.11
N PHE A 586 -16.77 3.54 -6.19
CA PHE A 586 -16.35 3.14 -4.87
C PHE A 586 -17.32 2.10 -4.28
N GLN A 587 -16.87 1.41 -3.24
CA GLN A 587 -17.65 0.28 -2.73
C GLN A 587 -18.82 0.73 -1.88
N THR A 588 -19.94 0.04 -2.03
CA THR A 588 -21.09 0.24 -1.12
C THR A 588 -21.57 -1.09 -0.59
N THR A 589 -22.56 -1.05 0.32
CA THR A 589 -23.33 -2.26 0.64
C THR A 589 -23.94 -2.86 -0.63
N GLU A 590 -23.99 -4.20 -0.70
CA GLU A 590 -24.67 -4.85 -1.82
C GLU A 590 -26.13 -4.51 -1.84
N GLY A 591 -26.70 -4.44 -3.03
CA GLY A 591 -28.14 -4.33 -3.15
C GLY A 591 -28.59 -4.22 -4.58
N ILE A 592 -29.90 -4.13 -4.76
CA ILE A 592 -30.45 -4.10 -6.13
C ILE A 592 -30.20 -2.74 -6.80
N MET A 593 -29.70 -1.75 -6.11
CA MET A 593 -29.45 -0.44 -6.70
C MET A 593 -27.96 -0.21 -6.97
N ARG A 594 -27.10 -1.14 -6.59
CA ARG A 594 -25.67 -0.93 -6.63
C ARG A 594 -24.99 -2.11 -7.35
N VAL A 595 -24.42 -1.80 -8.51
CA VAL A 595 -23.83 -2.82 -9.39
C VAL A 595 -22.32 -2.88 -9.06
N ASP A 596 -21.94 -3.64 -8.03
CA ASP A 596 -20.57 -3.57 -7.49
C ASP A 596 -20.22 -2.14 -7.08
N GLY A 597 -20.94 -1.69 -6.05
CA GLY A 597 -20.74 -0.37 -5.49
C GLY A 597 -21.41 0.69 -6.34
N ASN A 598 -20.91 1.91 -6.11
CA ASN A 598 -21.47 3.12 -6.69
C ASN A 598 -20.65 3.50 -7.92
N HIS A 599 -21.32 3.61 -9.07
CA HIS A 599 -20.64 3.89 -10.32
C HIS A 599 -20.83 5.31 -10.80
N LYS A 600 -21.05 6.23 -9.87
CA LYS A 600 -21.10 7.64 -10.27
C LYS A 600 -19.71 8.25 -10.41
N GLY A 601 -18.65 7.45 -10.31
CA GLY A 601 -17.32 7.98 -10.55
C GLY A 601 -17.16 8.56 -11.95
N VAL A 602 -16.35 9.59 -12.03
CA VAL A 602 -15.87 10.10 -13.31
C VAL A 602 -14.67 9.26 -13.76
N PHE A 603 -13.94 8.70 -12.78
CA PHE A 603 -12.92 7.68 -12.98
C PHE A 603 -13.42 6.34 -12.49
N THR A 604 -12.85 5.27 -13.04
CA THR A 604 -13.16 3.94 -12.54
C THR A 604 -12.45 3.76 -11.18
N ARG A 605 -12.75 2.68 -10.47
CA ARG A 605 -12.11 2.42 -9.17
C ARG A 605 -10.57 2.28 -9.23
N ASP A 606 -10.11 1.80 -10.37
CA ASP A 606 -8.69 1.71 -10.61
C ASP A 606 -8.10 2.94 -11.30
N ARG A 607 -8.88 4.02 -11.25
CA ARG A 607 -8.43 5.40 -11.51
C ARG A 607 -8.13 5.67 -12.98
N GLN A 608 -9.07 5.23 -13.84
CA GLN A 608 -8.98 5.53 -15.29
C GLN A 608 -10.24 6.30 -15.70
N PRO A 609 -10.09 7.22 -16.67
CA PRO A 609 -11.22 8.14 -16.95
C PRO A 609 -12.30 7.53 -17.80
N LYS A 610 -13.55 7.74 -17.40
CA LYS A 610 -14.67 7.53 -18.35
C LYS A 610 -14.76 8.70 -19.31
N ALA A 611 -15.67 8.60 -20.30
CA ALA A 611 -15.77 9.73 -21.28
C ALA A 611 -16.02 11.08 -20.64
N ALA A 612 -16.79 11.11 -19.56
CA ALA A 612 -17.15 12.40 -18.93
C ALA A 612 -15.92 13.09 -18.29
N ALA A 613 -14.84 12.38 -18.03
CA ALA A 613 -13.69 13.05 -17.39
C ALA A 613 -13.18 14.18 -18.27
N VAL A 614 -13.16 13.98 -19.58
CA VAL A 614 -12.73 15.02 -20.52
C VAL A 614 -13.66 16.25 -20.52
N VAL A 615 -14.95 16.01 -20.31
CA VAL A 615 -15.92 17.11 -20.22
C VAL A 615 -15.50 18.05 -19.08
N PHE A 616 -15.19 17.47 -17.92
CA PHE A 616 -14.71 18.31 -16.83
C PHE A 616 -13.40 18.99 -17.16
N LYS A 617 -12.44 18.23 -17.69
CA LYS A 617 -11.14 18.79 -18.03
C LYS A 617 -11.28 20.04 -18.91
N ASP A 618 -12.10 19.91 -19.94
CA ASP A 618 -12.29 21.04 -20.87
C ASP A 618 -12.98 22.22 -20.22
N ARG A 619 -14.01 21.96 -19.40
CA ARG A 619 -14.74 23.05 -18.78
C ARG A 619 -13.88 23.78 -17.75
N TRP A 620 -13.09 23.03 -16.98
CA TRP A 620 -12.34 23.63 -15.87
C TRP A 620 -11.04 24.29 -16.29
N GLU A 621 -10.61 24.01 -17.50
CA GLU A 621 -9.38 24.58 -17.97
C GLU A 621 -9.49 26.09 -17.95
N LEU B 26 29.90 -12.09 -0.26
CA LEU B 26 29.39 -10.73 -0.39
C LEU B 26 29.99 -9.82 0.66
N GLU B 27 30.14 -8.53 0.33
CA GLU B 27 30.67 -7.53 1.25
C GLU B 27 29.62 -6.87 2.15
N TYR B 28 28.51 -7.57 2.36
CA TYR B 28 27.40 -7.02 3.16
C TYR B 28 26.57 -8.23 3.55
N SER B 29 25.63 -8.00 4.45
CA SER B 29 24.70 -9.04 4.89
C SER B 29 23.37 -8.98 4.12
N GLU B 30 22.83 -10.16 3.75
CA GLU B 30 21.48 -10.22 3.19
C GLU B 30 20.41 -10.38 4.25
N LEU B 31 20.78 -10.53 5.52
CA LEU B 31 19.78 -10.89 6.56
C LEU B 31 18.71 -9.83 6.70
N TYR B 32 17.48 -10.25 6.88
CA TYR B 32 16.38 -9.33 7.01
C TYR B 32 16.56 -8.52 8.29
N PRO B 33 16.24 -7.25 8.27
CA PRO B 33 16.50 -6.41 9.46
C PRO B 33 15.53 -6.69 10.60
N ILE B 34 16.05 -6.66 11.82
CA ILE B 34 15.25 -6.83 13.03
C ILE B 34 15.64 -5.76 14.05
N GLN B 35 14.77 -5.62 15.04
CA GLN B 35 15.00 -4.65 16.10
C GLN B 35 15.09 -5.35 17.44
N ASN B 36 16.19 -5.10 18.13
CA ASN B 36 16.35 -5.64 19.49
C ASN B 36 17.41 -4.80 20.21
N GLU B 37 17.98 -5.31 21.30
CA GLU B 37 18.93 -4.47 22.06
C GLU B 37 20.18 -4.07 21.26
N TYR B 38 20.51 -4.89 20.26
CA TYR B 38 21.77 -4.76 19.55
C TYR B 38 21.61 -4.18 18.14
N ARG B 39 20.42 -4.34 17.57
CA ARG B 39 20.14 -3.97 16.19
C ARG B 39 18.98 -3.00 16.14
N MET B 40 19.14 -1.91 15.41
CA MET B 40 18.04 -0.93 15.33
C MET B 40 17.65 -0.76 13.87
N MET B 41 16.41 -0.34 13.66
CA MET B 41 15.94 -0.09 12.31
C MET B 41 14.92 1.03 12.29
N GLN B 42 14.92 1.78 11.20
CA GLN B 42 13.97 2.89 11.04
C GLN B 42 13.51 2.83 9.58
N SER B 43 12.19 2.85 9.36
CA SER B 43 11.67 2.79 8.02
C SER B 43 11.83 4.13 7.32
N LEU B 44 12.28 4.09 6.05
CA LEU B 44 12.33 5.30 5.23
C LEU B 44 11.21 5.34 4.21
N ASP B 45 10.28 4.41 4.30
CA ASP B 45 9.12 4.40 3.39
C ASP B 45 8.30 5.69 3.56
N GLY B 46 7.68 6.15 2.47
CA GLY B 46 6.82 7.35 2.53
C GLY B 46 6.92 8.06 1.21
N MET B 47 6.77 9.36 1.23
CA MET B 47 6.89 10.17 0.03
C MET B 47 8.29 10.68 -0.10
N TRP B 48 8.97 10.27 -1.14
CA TRP B 48 10.31 10.78 -1.43
C TRP B 48 10.25 11.89 -2.46
N LYS B 49 11.36 12.60 -2.63
CA LYS B 49 11.53 13.48 -3.77
C LYS B 49 12.06 12.70 -4.96
N PHE B 50 11.72 13.15 -6.16
CA PHE B 50 11.99 12.40 -7.37
C PHE B 50 12.18 13.34 -8.53
N GLN B 51 13.15 13.04 -9.39
CA GLN B 51 13.34 13.85 -10.60
C GLN B 51 13.87 13.02 -11.75
N PHE B 52 13.22 13.15 -12.91
CA PHE B 52 13.71 12.53 -14.14
C PHE B 52 14.95 13.30 -14.65
N ASP B 53 15.86 12.56 -15.26
CA ASP B 53 17.13 13.18 -15.77
C ASP B 53 17.40 12.80 -17.19
N PRO B 54 16.54 13.29 -18.11
CA PRO B 54 16.67 12.87 -19.51
C PRO B 54 17.97 13.31 -20.19
N GLU B 55 18.56 14.41 -19.75
CA GLU B 55 19.80 14.88 -20.35
C GLU B 55 21.04 14.32 -19.65
N GLU B 56 20.85 13.50 -18.61
CA GLU B 56 21.97 12.88 -17.87
C GLU B 56 22.92 13.94 -17.34
N ILE B 57 22.35 14.94 -16.69
CA ILE B 57 23.09 16.03 -16.09
C ILE B 57 23.19 15.99 -14.57
N GLY B 58 22.54 15.03 -13.89
CA GLY B 58 22.46 15.15 -12.45
C GLY B 58 23.80 15.19 -11.73
N LYS B 59 24.70 14.28 -12.06
CA LYS B 59 25.91 14.17 -11.27
C LYS B 59 26.79 15.41 -11.56
N LYS B 60 26.84 15.87 -12.81
CA LYS B 60 27.65 17.07 -13.08
C LYS B 60 26.97 18.33 -12.54
N SER B 61 25.70 18.23 -12.13
CA SER B 61 24.95 19.34 -11.58
C SER B 61 24.79 19.27 -10.03
N GLY B 62 25.44 18.29 -9.40
CA GLY B 62 25.41 18.22 -7.93
C GLY B 62 24.11 17.64 -7.36
N TRP B 63 23.33 16.89 -8.17
CA TRP B 63 22.04 16.40 -7.61
C TRP B 63 22.24 15.45 -6.44
N GLU B 64 23.42 14.87 -6.28
CA GLU B 64 23.62 14.03 -5.09
C GLU B 64 23.54 14.83 -3.81
N ASN B 65 23.60 16.17 -3.91
CA ASN B 65 23.46 17.03 -2.74
C ASN B 65 22.01 17.53 -2.57
N GLY B 66 21.13 17.09 -3.46
CA GLY B 66 19.73 17.51 -3.39
C GLY B 66 19.19 17.75 -4.79
N LEU B 67 17.97 17.29 -5.07
CA LEU B 67 17.36 17.44 -6.39
C LEU B 67 16.84 18.86 -6.54
N PRO B 68 17.07 19.47 -7.70
CA PRO B 68 16.76 20.91 -7.83
C PRO B 68 15.28 21.19 -8.07
N ALA B 69 14.54 20.30 -8.73
CA ALA B 69 13.11 20.57 -9.00
C ALA B 69 12.30 19.29 -8.93
N PRO B 70 12.26 18.71 -7.73
CA PRO B 70 11.67 17.36 -7.62
C PRO B 70 10.13 17.40 -7.58
N VAL B 71 9.55 16.25 -7.91
CA VAL B 71 8.16 15.97 -7.55
C VAL B 71 8.14 14.93 -6.45
N SER B 72 6.96 14.65 -5.90
CA SER B 72 6.83 13.64 -4.85
C SER B 72 6.62 12.25 -5.46
N MET B 73 7.25 11.23 -4.86
CA MET B 73 7.10 9.86 -5.35
C MET B 73 6.95 8.91 -4.19
N PRO B 74 5.88 8.09 -4.16
CA PRO B 74 5.75 7.10 -3.10
C PRO B 74 6.85 6.02 -3.14
N VAL B 75 7.24 5.58 -1.95
CA VAL B 75 8.16 4.47 -1.80
C VAL B 75 7.59 3.59 -0.70
N PRO B 76 7.43 2.29 -0.94
CA PRO B 76 7.70 1.51 -2.17
C PRO B 76 6.62 1.67 -3.24
N SER B 77 7.06 1.79 -4.50
CA SER B 77 6.16 1.77 -5.65
C SER B 77 6.97 1.76 -6.91
N SER B 78 6.38 1.26 -7.98
CA SER B 78 6.95 1.60 -9.30
C SER B 78 6.48 2.99 -9.67
N PHE B 79 7.32 3.76 -10.36
CA PHE B 79 6.87 5.14 -10.63
C PHE B 79 5.87 5.26 -11.80
N ALA B 80 5.84 4.28 -12.70
CA ALA B 80 5.25 4.53 -14.01
C ALA B 80 3.76 4.92 -14.00
N ASP B 81 2.94 4.22 -13.22
CA ASP B 81 1.49 4.38 -13.45
C ASP B 81 0.83 5.48 -12.65
N PHE B 82 1.63 6.27 -11.94
CA PHE B 82 1.06 7.47 -11.31
C PHE B 82 0.70 8.51 -12.28
N PHE B 83 1.55 8.69 -13.29
CA PHE B 83 1.47 9.87 -14.16
C PHE B 83 0.30 9.81 -15.14
N THR B 84 -0.07 10.98 -15.70
CA THR B 84 -1.13 10.98 -16.68
C THR B 84 -0.64 11.21 -18.09
N ASP B 85 0.67 11.32 -18.26
CA ASP B 85 1.24 11.55 -19.62
C ASP B 85 2.15 10.39 -20.06
N HIS B 86 2.18 10.11 -21.35
CA HIS B 86 2.90 8.96 -21.87
C HIS B 86 4.39 9.07 -21.54
N LYS B 87 4.97 10.25 -21.74
CA LYS B 87 6.45 10.32 -21.66
C LYS B 87 6.94 10.03 -20.25
N GLU B 88 6.17 10.37 -19.23
CA GLU B 88 6.62 10.05 -17.87
C GLU B 88 6.41 8.56 -17.57
N ARG B 89 5.26 8.01 -17.98
CA ARG B 89 5.01 6.58 -17.79
C ARG B 89 6.10 5.73 -18.42
N ASP B 90 6.45 6.09 -19.67
CA ASP B 90 7.37 5.29 -20.47
C ASP B 90 8.85 5.70 -20.29
N TYR B 91 9.11 6.52 -19.29
CA TYR B 91 10.47 7.07 -19.11
C TYR B 91 11.51 5.95 -19.04
N CYS B 92 12.61 6.12 -19.76
CA CYS B 92 13.70 5.15 -19.76
C CYS B 92 15.00 5.94 -19.74
N GLY B 93 15.86 5.64 -18.78
CA GLY B 93 17.10 6.36 -18.61
C GLY B 93 17.40 6.55 -17.14
N ASP B 94 18.09 7.66 -16.82
CA ASP B 94 18.48 7.98 -15.47
C ASP B 94 17.39 8.77 -14.79
N PHE B 95 17.15 8.47 -13.49
CA PHE B 95 16.20 9.23 -12.70
C PHE B 95 16.61 9.10 -11.22
N TRP B 96 16.20 10.05 -10.41
CA TRP B 96 16.76 10.22 -9.08
C TRP B 96 15.73 10.25 -7.97
N TYR B 97 16.08 9.72 -6.79
CA TYR B 97 15.25 9.76 -5.61
C TYR B 97 16.02 10.42 -4.49
N GLU B 98 15.31 11.11 -3.61
CA GLU B 98 15.92 11.72 -2.40
C GLU B 98 14.98 11.64 -1.21
N THR B 99 15.53 11.40 -0.01
CA THR B 99 14.76 11.69 1.17
C THR B 99 15.70 12.10 2.29
N GLU B 100 15.12 12.48 3.43
CA GLU B 100 15.88 12.92 4.59
C GLU B 100 15.35 12.15 5.78
N PHE B 101 16.20 11.90 6.77
CA PHE B 101 15.79 11.14 7.94
C PHE B 101 16.60 11.65 9.14
N TYR B 102 15.97 11.69 10.30
CA TYR B 102 16.70 12.01 11.52
C TYR B 102 17.32 10.71 12.10
N LEU B 103 18.63 10.71 12.40
CA LEU B 103 19.30 9.56 13.00
C LEU B 103 19.41 9.76 14.50
N PRO B 104 18.91 8.82 15.30
CA PRO B 104 19.00 9.03 16.75
C PRO B 104 20.46 9.08 17.20
N ALA B 105 20.77 9.93 18.19
CA ALA B 105 22.13 10.03 18.65
C ALA B 105 22.67 8.68 19.17
N GLU B 106 21.80 7.87 19.71
CA GLU B 106 22.17 6.60 20.25
C GLU B 106 22.69 5.60 19.24
N TRP B 107 22.53 5.90 17.99
CA TRP B 107 23.16 5.06 16.95
C TRP B 107 24.64 5.32 16.71
N ARG B 108 25.22 6.29 17.42
CA ARG B 108 26.65 6.54 17.32
C ARG B 108 27.44 5.32 17.80
N ASN B 109 28.54 4.99 17.11
CA ASN B 109 29.32 3.83 17.47
C ASN B 109 28.74 2.50 16.96
N LYS B 110 27.68 2.56 16.18
CA LYS B 110 27.20 1.37 15.50
C LYS B 110 27.63 1.38 14.05
N LYS B 111 27.53 0.22 13.41
CA LYS B 111 27.66 0.16 11.95
C LYS B 111 26.30 0.52 11.36
N ILE B 112 26.26 1.59 10.56
CA ILE B 112 24.98 2.09 10.10
C ILE B 112 24.89 1.90 8.60
N TRP B 113 23.79 1.26 8.16
CA TRP B 113 23.59 0.87 6.76
C TRP B 113 22.26 1.40 6.24
N LEU B 114 22.24 1.83 4.99
CA LEU B 114 20.97 1.93 4.26
C LEU B 114 20.71 0.59 3.62
N ARG B 115 19.45 0.14 3.75
CA ARG B 115 19.06 -1.15 3.17
C ARG B 115 17.87 -0.96 2.27
N PHE B 116 18.05 -1.21 0.99
CA PHE B 116 16.97 -1.11 0.01
C PHE B 116 16.49 -2.50 -0.31
N GLY B 117 15.19 -2.78 -0.20
CA GLY B 117 14.74 -4.12 -0.64
C GLY B 117 15.16 -4.40 -2.09
N SER B 118 15.18 -3.38 -2.92
CA SER B 118 15.73 -3.45 -4.28
C SER B 118 15.84 -2.05 -4.81
N ILE B 119 16.61 -1.91 -5.91
CA ILE B 119 16.77 -0.63 -6.63
C ILE B 119 16.69 -1.04 -8.08
N THR B 120 15.64 -0.66 -8.80
CA THR B 120 15.36 -1.31 -10.11
C THR B 120 15.67 -0.33 -11.29
N HIS B 121 16.64 -0.61 -12.18
CA HIS B 121 17.41 -1.87 -12.28
C HIS B 121 18.81 -1.76 -11.68
N ARG B 122 19.33 -0.54 -11.64
CA ARG B 122 20.73 -0.37 -11.21
C ARG B 122 20.85 1.02 -10.66
N GLY B 123 21.78 1.21 -9.75
CA GLY B 123 21.89 2.56 -9.21
C GLY B 123 23.12 2.77 -8.37
N THR B 124 23.25 4.02 -7.98
CA THR B 124 24.32 4.45 -7.08
C THR B 124 23.69 5.21 -5.92
N VAL B 125 24.03 4.79 -4.71
CA VAL B 125 23.53 5.35 -3.47
C VAL B 125 24.50 6.41 -2.93
N TYR B 126 23.97 7.59 -2.60
CA TYR B 126 24.71 8.69 -1.96
C TYR B 126 24.11 8.96 -0.61
N CYS B 127 24.94 9.34 0.37
CA CYS B 127 24.42 9.77 1.63
C CYS B 127 25.24 10.97 2.08
N ASN B 128 24.53 12.02 2.49
CA ASN B 128 25.17 13.26 2.89
C ASN B 128 26.15 13.74 1.84
N GLY B 129 25.74 13.53 0.59
CA GLY B 129 26.55 14.04 -0.52
C GLY B 129 27.68 13.14 -1.01
N MET B 130 27.94 12.01 -0.33
CA MET B 130 29.06 11.11 -0.60
C MET B 130 28.62 9.85 -1.29
N GLU B 131 29.34 9.40 -2.32
CA GLU B 131 29.05 8.15 -2.99
C GLU B 131 29.36 6.98 -2.08
N ILE B 132 28.36 6.10 -1.90
CA ILE B 132 28.55 4.98 -0.99
C ILE B 132 28.74 3.65 -1.71
N THR B 133 27.80 3.30 -2.60
CA THR B 133 27.89 2.00 -3.25
C THR B 133 27.05 2.05 -4.53
N SER B 134 27.29 1.10 -5.42
CA SER B 134 26.49 0.91 -6.64
C SER B 134 26.05 -0.54 -6.72
N HIS B 135 24.97 -0.78 -7.46
CA HIS B 135 24.53 -2.15 -7.61
C HIS B 135 23.85 -2.28 -8.95
N GLU B 136 23.99 -3.48 -9.52
CA GLU B 136 23.36 -3.87 -10.78
C GLU B 136 22.48 -5.08 -10.50
N GLY B 137 21.19 -5.01 -10.84
CA GLY B 137 20.29 -6.13 -10.55
C GLY B 137 19.11 -5.57 -9.78
N GLY B 138 17.90 -5.60 -10.35
CA GLY B 138 16.81 -4.80 -9.82
C GLY B 138 15.84 -5.48 -8.87
N PHE B 139 16.16 -6.70 -8.41
CA PHE B 139 15.18 -7.48 -7.67
C PHE B 139 15.73 -8.11 -6.40
N LEU B 140 16.87 -7.60 -5.92
CA LEU B 140 17.47 -8.12 -4.68
C LEU B 140 18.03 -6.97 -3.85
N PRO B 141 18.25 -7.20 -2.55
CA PRO B 141 18.62 -6.05 -1.68
C PRO B 141 19.89 -5.34 -2.04
N VAL B 142 19.90 -4.03 -1.74
CA VAL B 142 21.11 -3.22 -1.90
C VAL B 142 21.46 -2.68 -0.53
N LEU B 143 22.70 -2.92 -0.12
CA LEU B 143 23.18 -2.52 1.22
C LEU B 143 24.27 -1.50 1.03
N ALA B 144 24.12 -0.37 1.73
CA ALA B 144 25.12 0.75 1.61
C ALA B 144 25.59 1.12 3.00
N ASP B 145 26.90 0.98 3.22
CA ASP B 145 27.44 1.22 4.56
C ASP B 145 27.74 2.71 4.71
N ILE B 146 26.92 3.39 5.52
CA ILE B 146 27.05 4.85 5.71
C ILE B 146 27.69 5.15 7.04
N SER B 147 28.35 4.18 7.66
CA SER B 147 28.96 4.40 8.98
C SER B 147 29.89 5.62 9.01
N THR B 148 30.69 5.79 7.95
CA THR B 148 31.70 6.85 7.96
C THR B 148 31.15 8.23 7.60
N VAL B 149 29.91 8.31 7.09
CA VAL B 149 29.38 9.62 6.70
C VAL B 149 28.10 9.99 7.45
N ALA B 150 27.55 9.04 8.19
CA ALA B 150 26.30 9.28 8.93
C ALA B 150 26.55 10.30 10.06
N LYS B 151 25.54 11.08 10.36
CA LYS B 151 25.59 12.07 11.45
C LYS B 151 24.53 11.77 12.50
N PRO B 152 24.89 10.99 13.53
CA PRO B 152 23.91 10.71 14.60
C PRO B 152 23.49 12.01 15.28
N GLY B 153 22.22 12.10 15.64
CA GLY B 153 21.70 13.28 16.30
C GLY B 153 21.39 14.44 15.38
N GLN B 154 21.38 14.16 14.10
CA GLN B 154 21.13 15.16 13.09
C GLN B 154 20.27 14.60 11.97
N VAL B 155 19.75 15.49 11.15
CA VAL B 155 19.10 15.13 9.91
C VAL B 155 20.13 14.73 8.87
N ASN B 156 19.86 13.61 8.20
CA ASN B 156 20.73 13.05 7.18
C ASN B 156 19.99 12.94 5.87
N GLN B 157 20.76 12.88 4.78
CA GLN B 157 20.17 12.88 3.44
C GLN B 157 20.59 11.63 2.69
N VAL B 158 19.64 11.04 1.94
CA VAL B 158 19.99 9.97 1.00
C VAL B 158 19.53 10.38 -0.40
N VAL B 159 20.41 10.21 -1.39
CA VAL B 159 20.02 10.43 -2.78
C VAL B 159 20.45 9.20 -3.56
N VAL B 160 19.58 8.75 -4.47
CA VAL B 160 19.89 7.55 -5.26
C VAL B 160 19.75 7.93 -6.74
N LYS B 161 20.79 7.65 -7.54
CA LYS B 161 20.69 7.74 -8.98
C LYS B 161 20.35 6.36 -9.49
N ILE B 162 19.27 6.25 -10.24
CA ILE B 162 18.79 4.94 -10.74
C ILE B 162 18.72 4.98 -12.25
N ASN B 163 18.90 3.82 -12.88
CA ASN B 163 18.73 3.73 -14.31
C ASN B 163 17.91 2.47 -14.62
N ASN B 164 16.99 2.57 -15.57
CA ASN B 164 16.12 1.43 -15.86
C ASN B 164 16.23 0.91 -17.29
N GLU B 165 17.35 1.22 -17.97
CA GLU B 165 17.58 0.68 -19.32
C GLU B 165 17.82 -0.83 -19.31
N LEU B 166 17.58 -1.42 -20.48
CA LEU B 166 17.73 -2.87 -20.63
C LEU B 166 18.88 -3.10 -21.59
N ASN B 167 19.68 -4.15 -21.34
CA ASN B 167 20.77 -4.47 -22.25
C ASN B 167 20.97 -5.99 -22.27
N GLU B 168 22.07 -6.46 -22.89
CA GLU B 168 22.31 -7.88 -23.05
C GLU B 168 23.44 -8.37 -22.15
N THR B 169 23.78 -7.56 -21.16
CA THR B 169 24.84 -7.96 -20.23
C THR B 169 24.37 -7.98 -18.79
N SER B 170 23.07 -7.77 -18.57
CA SER B 170 22.52 -7.79 -17.19
C SER B 170 21.10 -8.28 -17.33
N LEU B 171 20.54 -8.77 -16.21
CA LEU B 171 19.24 -9.42 -16.21
C LEU B 171 18.17 -8.50 -15.62
N PRO B 172 16.96 -8.53 -16.18
CA PRO B 172 16.48 -9.28 -17.35
C PRO B 172 16.92 -8.56 -18.61
N CYS B 173 17.05 -9.29 -19.71
CA CYS B 173 17.63 -8.67 -20.91
C CYS B 173 16.68 -7.94 -21.82
N GLY B 174 17.22 -6.95 -22.53
CA GLY B 174 16.45 -6.26 -23.55
C GLY B 174 17.33 -5.30 -24.28
N ALA B 175 16.68 -4.33 -24.89
CA ALA B 175 17.40 -3.28 -25.61
C ALA B 175 16.86 -1.93 -25.20
N THR B 176 17.54 -0.88 -25.61
CA THR B 176 17.08 0.48 -25.40
C THR B 176 17.03 1.11 -26.80
N LYS B 177 15.86 1.64 -27.18
CA LYS B 177 15.70 2.31 -28.46
C LYS B 177 15.81 3.79 -28.26
N ILE B 178 16.48 4.49 -29.19
CA ILE B 178 16.54 5.94 -29.08
C ILE B 178 15.70 6.53 -30.19
N LEU B 179 14.68 7.26 -29.77
CA LEU B 179 13.76 7.91 -30.71
C LEU B 179 14.46 9.14 -31.30
N ASN B 180 13.96 9.67 -32.41
CA ASN B 180 14.82 10.59 -33.17
C ASN B 180 15.15 11.87 -32.40
N ASN B 181 14.28 12.24 -31.46
CA ASN B 181 14.53 13.38 -30.56
C ASN B 181 15.46 13.10 -29.35
N GLY B 182 16.05 11.91 -29.26
CA GLY B 182 16.92 11.54 -28.15
C GLY B 182 16.21 10.81 -27.00
N ARG B 183 14.89 10.80 -27.06
CA ARG B 183 14.12 10.14 -25.99
C ARG B 183 14.37 8.62 -26.02
N LYS B 184 14.64 7.98 -24.87
CA LYS B 184 14.85 6.52 -24.82
C LYS B 184 13.52 5.77 -24.54
N LEU B 185 13.43 4.55 -25.08
CA LEU B 185 12.27 3.69 -24.85
C LEU B 185 12.71 2.24 -24.66
N ALA B 186 12.39 1.67 -23.51
CA ALA B 186 12.80 0.30 -23.18
C ALA B 186 12.15 -0.67 -24.17
N LYS B 187 12.94 -1.65 -24.61
CA LYS B 187 12.46 -2.70 -25.50
C LYS B 187 12.76 -4.04 -24.88
N PRO B 188 11.86 -4.56 -24.03
CA PRO B 188 12.15 -5.83 -23.37
C PRO B 188 12.27 -7.02 -24.29
N TYR B 189 13.07 -7.99 -23.89
CA TYR B 189 13.01 -9.32 -24.54
C TYR B 189 12.13 -10.29 -23.74
N PHE B 190 11.32 -9.72 -22.84
CA PHE B 190 10.47 -10.47 -21.94
C PHE B 190 9.08 -9.87 -21.95
N ASP B 191 8.11 -10.70 -21.52
CA ASP B 191 6.69 -10.37 -21.58
C ASP B 191 6.17 -9.79 -20.25
N PHE B 192 6.82 -8.73 -19.75
CA PHE B 192 6.26 -8.00 -18.60
C PHE B 192 6.74 -6.56 -18.67
N PHE B 193 5.92 -5.64 -18.14
CA PHE B 193 6.23 -4.22 -18.32
C PHE B 193 7.52 -3.86 -17.56
N ASN B 194 8.28 -2.93 -18.14
CA ASN B 194 9.54 -2.56 -17.50
C ASN B 194 9.33 -1.57 -16.34
N TYR B 195 8.61 -2.03 -15.31
CA TYR B 195 8.46 -1.25 -14.07
C TYR B 195 9.81 -1.04 -13.38
N SER B 196 9.95 0.09 -12.73
CA SER B 196 11.23 0.40 -12.11
C SER B 196 11.08 1.49 -11.05
N GLY B 197 12.19 1.79 -10.37
CA GLY B 197 12.18 2.74 -9.25
C GLY B 197 12.55 2.06 -7.94
N LEU B 198 12.04 2.57 -6.82
CA LEU B 198 12.25 1.98 -5.50
C LEU B 198 10.96 1.24 -5.13
N GLN B 199 10.92 -0.02 -5.57
CA GLN B 199 9.70 -0.85 -5.51
C GLN B 199 9.50 -1.58 -4.21
N ARG B 200 10.48 -1.53 -3.31
CA ARG B 200 10.39 -2.28 -2.06
C ARG B 200 10.76 -1.38 -0.90
N SER B 201 10.50 -1.86 0.29
CA SER B 201 10.79 -1.03 1.45
C SER B 201 12.25 -0.63 1.60
N VAL B 202 12.45 0.53 2.22
CA VAL B 202 13.78 1.05 2.46
C VAL B 202 13.94 1.29 3.92
N TRP B 203 15.08 0.86 4.50
CA TRP B 203 15.34 1.11 5.93
C TRP B 203 16.69 1.78 6.12
N VAL B 204 16.85 2.44 7.26
CA VAL B 204 18.21 2.69 7.72
C VAL B 204 18.34 1.85 9.02
N ILE B 205 19.47 1.16 9.16
CA ILE B 205 19.62 0.20 10.27
C ILE B 205 20.96 0.42 10.96
N ALA B 206 21.03 -0.04 12.20
CA ALA B 206 22.26 0.02 12.96
C ALA B 206 22.56 -1.36 13.51
N LEU B 207 23.81 -1.78 13.33
CA LEU B 207 24.29 -3.11 13.71
C LEU B 207 25.44 -2.97 14.71
N PRO B 208 25.63 -3.95 15.57
CA PRO B 208 26.82 -3.89 16.43
C PRO B 208 28.07 -4.02 15.61
N GLU B 209 29.19 -3.55 16.15
CA GLU B 209 30.45 -3.55 15.44
C GLU B 209 30.95 -4.97 15.09
N GLU B 210 30.56 -5.94 15.90
CA GLU B 210 30.83 -7.34 15.57
C GLU B 210 29.44 -7.96 15.44
N SER B 211 29.09 -8.46 14.24
CA SER B 211 27.70 -8.91 14.01
C SER B 211 27.60 -10.18 13.24
N VAL B 212 26.45 -10.81 13.37
CA VAL B 212 26.10 -11.96 12.53
C VAL B 212 25.81 -11.48 11.09
N LYS B 213 26.59 -11.95 10.13
CA LYS B 213 26.52 -11.50 8.76
C LYS B 213 25.71 -12.48 7.89
N ASP B 214 25.85 -13.79 8.16
CA ASP B 214 25.17 -14.82 7.36
C ASP B 214 25.05 -16.05 8.22
N TYR B 215 24.09 -16.90 7.89
CA TYR B 215 24.09 -18.24 8.47
C TYR B 215 23.37 -19.14 7.47
N SER B 216 23.59 -20.44 7.62
CA SER B 216 22.91 -21.43 6.79
C SER B 216 22.47 -22.59 7.64
N VAL B 217 21.29 -23.11 7.35
CA VAL B 217 20.84 -24.35 7.97
C VAL B 217 20.55 -25.44 6.93
N ASP B 218 20.70 -26.71 7.39
CA ASP B 218 20.43 -27.89 6.56
C ASP B 218 19.86 -28.93 7.51
N TYR B 219 18.93 -29.74 7.04
CA TYR B 219 18.17 -30.60 7.93
C TYR B 219 18.37 -32.07 7.57
N GLU B 220 18.37 -32.89 8.62
CA GLU B 220 18.36 -34.34 8.47
C GLU B 220 17.28 -34.92 9.40
N LEU B 221 16.49 -35.87 8.91
CA LEU B 221 15.43 -36.49 9.67
C LEU B 221 15.94 -37.83 10.21
N CYS B 222 15.72 -38.09 11.49
CA CYS B 222 16.26 -39.29 12.13
C CYS B 222 15.16 -39.89 12.97
N GLY B 223 14.29 -40.69 12.35
CA GLY B 223 13.16 -41.24 13.06
C GLY B 223 12.20 -40.14 13.45
N THR B 224 11.96 -39.98 14.75
CA THR B 224 11.06 -38.95 15.24
C THR B 224 11.83 -37.66 15.51
N ASP B 225 13.14 -37.74 15.34
CA ASP B 225 14.01 -36.62 15.71
C ASP B 225 14.53 -35.94 14.46
N ALA B 226 15.16 -34.78 14.65
CA ALA B 226 15.81 -34.13 13.50
C ALA B 226 17.11 -33.46 13.93
N LEU B 227 18.00 -33.28 12.97
CA LEU B 227 19.23 -32.55 13.16
C LEU B 227 19.14 -31.26 12.35
N VAL B 228 19.52 -30.15 12.95
CA VAL B 228 19.68 -28.90 12.21
C VAL B 228 21.18 -28.61 12.14
N LYS B 229 21.79 -28.91 11.00
CA LYS B 229 23.18 -28.56 10.77
C LYS B 229 23.27 -27.08 10.44
N TYR B 230 24.29 -26.40 10.95
CA TYR B 230 24.37 -24.96 10.63
C TYR B 230 25.82 -24.49 10.47
N GLU B 231 25.96 -23.35 9.79
CA GLU B 231 27.18 -22.58 9.74
C GLU B 231 26.78 -21.12 10.00
N VAL B 232 27.65 -20.37 10.68
CA VAL B 232 27.42 -18.93 10.95
C VAL B 232 28.66 -18.15 10.50
N VAL B 233 28.46 -17.04 9.82
CA VAL B 233 29.54 -16.13 9.45
C VAL B 233 29.33 -14.82 10.19
N THR B 234 30.36 -14.34 10.91
CA THR B 234 30.22 -13.08 11.63
C THR B 234 31.32 -12.14 11.18
N THR B 235 31.31 -10.91 11.70
CA THR B 235 32.33 -9.93 11.31
C THR B 235 33.46 -9.83 12.36
N GLY B 236 33.61 -10.85 13.21
CA GLY B 236 34.70 -10.84 14.21
C GLY B 236 35.05 -12.25 14.62
N GLU B 237 35.76 -12.38 15.73
CA GLU B 237 36.30 -13.65 16.15
C GLU B 237 35.76 -14.16 17.47
N HIS B 238 34.79 -13.48 18.05
CA HIS B 238 34.27 -13.97 19.32
C HIS B 238 33.40 -15.20 19.20
N PRO B 239 33.20 -15.91 20.30
CA PRO B 239 32.41 -17.13 20.30
C PRO B 239 30.94 -16.93 19.90
N VAL B 240 30.37 -17.98 19.29
CA VAL B 240 28.98 -18.00 18.86
C VAL B 240 28.23 -19.10 19.57
N ILE B 241 27.02 -18.76 20.03
CA ILE B 241 26.09 -19.70 20.63
C ILE B 241 24.86 -19.72 19.76
N VAL B 242 24.35 -20.90 19.47
CA VAL B 242 23.15 -21.03 18.67
C VAL B 242 22.11 -21.80 19.45
N ARG B 243 20.93 -21.21 19.56
CA ARG B 243 19.76 -21.78 20.25
C ARG B 243 18.63 -22.00 19.27
N LEU B 244 17.85 -23.04 19.49
CA LEU B 244 16.61 -23.21 18.73
C LEU B 244 15.43 -23.19 19.68
N LEU B 245 14.44 -22.37 19.40
CA LEU B 245 13.22 -22.27 20.21
C LEU B 245 12.06 -22.85 19.45
N ASP B 246 11.11 -23.47 20.14
CA ASP B 246 9.93 -23.97 19.44
C ASP B 246 8.93 -22.82 19.26
N ALA B 247 7.73 -23.12 18.73
CA ALA B 247 6.79 -22.05 18.37
C ALA B 247 6.20 -21.34 19.58
N GLU B 248 6.40 -21.93 20.77
CA GLU B 248 5.99 -21.28 22.01
C GLU B 248 7.16 -20.53 22.67
N GLY B 249 8.33 -20.50 22.03
CA GLY B 249 9.48 -19.78 22.59
C GLY B 249 10.28 -20.61 23.61
N GLU B 250 10.00 -21.89 23.69
CA GLU B 250 10.73 -22.75 24.61
C GLU B 250 11.98 -23.34 24.00
N LEU B 251 13.04 -23.37 24.79
CA LEU B 251 14.33 -23.81 24.30
C LEU B 251 14.28 -25.30 24.00
N VAL B 252 14.65 -25.72 22.78
CA VAL B 252 14.70 -27.15 22.47
C VAL B 252 16.09 -27.68 22.11
N ALA B 253 17.04 -26.80 21.84
CA ALA B 253 18.41 -27.20 21.49
C ALA B 253 19.34 -26.01 21.61
N GLU B 254 20.60 -26.29 21.96
CA GLU B 254 21.61 -25.25 22.10
C GLU B 254 22.97 -25.83 21.87
N THR B 255 23.79 -25.10 21.14
CA THR B 255 25.15 -25.56 20.93
C THR B 255 26.06 -24.37 20.75
N GLU B 256 27.36 -24.61 20.75
CA GLU B 256 28.34 -23.55 20.65
C GLU B 256 29.19 -23.79 19.40
N GLY B 257 29.55 -22.70 18.73
CA GLY B 257 30.49 -22.72 17.65
C GLY B 257 29.87 -22.15 16.39
N LYS B 258 30.72 -21.68 15.48
CA LYS B 258 30.27 -21.13 14.20
C LYS B 258 29.82 -22.25 13.24
N GLU B 259 30.13 -23.49 13.55
CA GLU B 259 29.56 -24.61 12.83
C GLU B 259 29.12 -25.65 13.85
N GLY B 260 27.97 -26.26 13.65
CA GLY B 260 27.52 -27.20 14.65
C GLY B 260 26.27 -27.90 14.20
N ILE B 261 25.70 -28.69 15.13
CA ILE B 261 24.48 -29.45 14.89
C ILE B 261 23.61 -29.29 16.08
N LEU B 262 22.37 -28.90 15.82
CA LEU B 262 21.38 -28.83 16.82
C LEU B 262 20.53 -30.11 16.79
N GLN B 263 20.36 -30.76 17.93
CA GLN B 263 19.60 -32.00 18.01
C GLN B 263 18.23 -31.74 18.54
N VAL B 264 17.21 -32.07 17.74
CA VAL B 264 15.87 -31.77 18.11
C VAL B 264 15.06 -33.04 18.35
N ALA B 265 14.67 -33.27 19.60
CA ALA B 265 13.87 -34.48 19.90
C ALA B 265 12.43 -34.28 19.45
N ASN B 266 11.83 -35.32 18.88
CA ASN B 266 10.40 -35.27 18.58
C ASN B 266 10.08 -34.03 17.75
N ALA B 267 10.88 -33.81 16.72
CA ALA B 267 10.77 -32.58 15.92
C ALA B 267 9.37 -32.42 15.29
N ARG B 268 8.85 -31.19 15.31
CA ARG B 268 7.60 -30.89 14.61
C ARG B 268 7.94 -30.38 13.23
N LEU B 269 7.75 -31.21 12.21
CA LEU B 269 8.25 -30.88 10.88
C LEU B 269 7.35 -29.81 10.25
N TRP B 270 7.98 -28.96 9.44
CA TRP B 270 7.24 -28.02 8.55
C TRP B 270 6.67 -28.83 7.40
N GLU B 271 5.34 -28.79 7.23
CA GLU B 271 4.67 -29.65 6.23
C GLU B 271 3.95 -28.80 5.21
N VAL B 272 3.68 -29.35 4.06
CA VAL B 272 2.99 -28.61 3.05
C VAL B 272 1.61 -28.19 3.52
N ARG B 273 1.38 -26.89 3.39
N ARG B 273 1.38 -26.89 3.39
CA ARG B 273 0.11 -26.29 3.80
CA ARG B 273 0.10 -26.30 3.80
C ARG B 273 -0.22 -26.64 5.24
C ARG B 273 -0.22 -26.63 5.25
N ASN B 274 0.81 -26.87 6.04
CA ASN B 274 0.68 -27.16 7.46
C ASN B 274 2.03 -26.87 8.15
N ALA B 275 2.37 -25.58 8.17
CA ALA B 275 3.66 -25.11 8.66
C ALA B 275 3.80 -25.27 10.15
N TYR B 276 5.05 -25.44 10.53
CA TYR B 276 5.47 -25.25 11.93
C TYR B 276 6.82 -24.57 11.83
N LEU B 277 7.00 -23.50 12.62
CA LEU B 277 8.24 -22.74 12.54
C LEU B 277 8.92 -22.69 13.91
N TYR B 278 10.18 -23.12 13.91
CA TYR B 278 11.05 -22.89 15.07
C TYR B 278 11.67 -21.51 14.94
N GLN B 279 12.33 -21.04 15.99
CA GLN B 279 13.09 -19.81 15.89
C GLN B 279 14.53 -20.11 16.16
N ILE B 280 15.42 -19.80 15.23
CA ILE B 280 16.84 -19.91 15.51
C ILE B 280 17.30 -18.58 16.11
N VAL B 281 18.20 -18.66 17.09
CA VAL B 281 18.70 -17.53 17.82
C VAL B 281 20.21 -17.64 17.81
N ILE B 282 20.88 -16.68 17.18
CA ILE B 282 22.33 -16.74 17.01
C ILE B 282 22.94 -15.62 17.86
N LEU B 283 23.82 -15.96 18.79
CA LEU B 283 24.39 -14.99 19.72
C LEU B 283 25.88 -14.94 19.51
N ILE B 284 26.43 -13.73 19.56
CA ILE B 284 27.88 -13.57 19.66
C ILE B 284 28.16 -13.11 21.07
N THR B 285 29.19 -13.65 21.73
CA THR B 285 29.40 -13.28 23.14
C THR B 285 30.85 -13.00 23.38
N ASP B 286 31.12 -12.13 24.34
CA ASP B 286 32.50 -12.01 24.86
C ASP B 286 32.45 -12.36 26.35
N GLY B 287 33.54 -12.08 27.07
CA GLY B 287 33.56 -12.47 28.47
C GLY B 287 32.59 -11.69 29.33
N ASN B 288 32.04 -10.61 28.80
CA ASN B 288 31.07 -9.79 29.59
C ASN B 288 29.66 -9.82 29.08
N GLY B 289 29.36 -10.71 28.15
CA GLY B 289 27.98 -10.82 27.74
C GLY B 289 27.82 -10.81 26.22
N VAL B 290 26.57 -10.72 25.84
CA VAL B 290 26.20 -10.82 24.41
C VAL B 290 26.59 -9.56 23.67
N LEU B 291 27.14 -9.72 22.47
CA LEU B 291 27.52 -8.63 21.55
C LEU B 291 26.47 -8.42 20.43
N ASP B 292 25.85 -9.52 20.01
CA ASP B 292 24.83 -9.44 18.92
C ASP B 292 23.88 -10.60 19.10
N GLU B 293 22.65 -10.41 18.63
CA GLU B 293 21.63 -11.45 18.65
C GLU B 293 20.87 -11.35 17.34
N TYR B 294 20.87 -12.43 16.56
CA TYR B 294 20.02 -12.45 15.37
C TYR B 294 19.01 -13.57 15.53
N ARG B 295 17.75 -13.33 15.20
CA ARG B 295 16.78 -14.41 15.29
C ARG B 295 15.88 -14.41 14.07
N GLU B 296 15.50 -15.62 13.66
CA GLU B 296 14.69 -15.78 12.44
C GLU B 296 13.87 -17.07 12.56
N LYS B 297 12.66 -17.07 11.97
CA LYS B 297 11.88 -18.31 11.97
C LYS B 297 12.37 -19.21 10.85
N ILE B 298 12.53 -20.49 11.15
CA ILE B 298 12.91 -21.51 10.16
C ILE B 298 12.00 -22.74 10.30
N GLY B 299 11.97 -23.60 9.28
CA GLY B 299 11.11 -24.79 9.37
C GLY B 299 11.92 -26.02 9.05
N ILE B 300 11.82 -27.05 9.91
CA ILE B 300 12.55 -28.28 9.70
C ILE B 300 11.82 -29.12 8.64
N ARG B 301 12.47 -29.27 7.49
CA ARG B 301 11.92 -30.06 6.39
C ARG B 301 13.03 -30.47 5.45
N THR B 302 12.83 -31.60 4.79
CA THR B 302 13.77 -32.02 3.76
C THR B 302 13.09 -32.06 2.38
N VAL B 303 13.86 -31.78 1.37
CA VAL B 303 13.45 -31.87 0.00
C VAL B 303 14.44 -32.69 -0.78
N ARG B 304 13.95 -33.68 -1.51
CA ARG B 304 14.83 -34.28 -2.49
C ARG B 304 14.08 -34.93 -3.65
N ILE B 305 14.82 -35.21 -4.70
CA ILE B 305 14.24 -35.86 -5.88
C ILE B 305 14.67 -37.32 -5.82
N GLU B 306 13.70 -38.22 -5.94
CA GLU B 306 13.96 -39.65 -6.02
C GLU B 306 13.22 -40.19 -7.26
N GLY B 307 13.99 -40.53 -8.29
CA GLY B 307 13.39 -40.96 -9.55
C GLY B 307 12.47 -39.83 -10.03
N THR B 308 11.23 -40.16 -10.34
CA THR B 308 10.32 -39.12 -10.87
C THR B 308 9.52 -38.44 -9.79
N LYS B 309 9.83 -38.71 -8.54
CA LYS B 309 9.13 -38.07 -7.47
C LYS B 309 9.85 -36.89 -6.80
N ILE B 310 9.09 -35.89 -6.40
CA ILE B 310 9.58 -34.85 -5.49
C ILE B 310 9.16 -35.24 -4.10
N LEU B 311 10.14 -35.36 -3.21
CA LEU B 311 9.83 -35.81 -1.86
C LEU B 311 10.01 -34.66 -0.87
N LEU B 312 8.99 -34.43 -0.10
CA LEU B 312 9.04 -33.47 1.01
C LEU B 312 8.91 -34.24 2.31
N ASN B 313 9.93 -34.15 3.17
CA ASN B 313 9.94 -35.02 4.37
C ASN B 313 9.70 -36.51 4.02
N ASP B 314 10.37 -36.95 2.95
CA ASP B 314 10.36 -38.36 2.57
C ASP B 314 9.02 -38.86 2.03
N ARG B 315 8.15 -37.95 1.64
CA ARG B 315 6.85 -38.38 1.06
C ARG B 315 6.65 -37.59 -0.22
N PRO B 316 6.11 -38.24 -1.27
CA PRO B 316 5.89 -37.53 -2.52
C PRO B 316 4.89 -36.38 -2.37
N VAL B 317 5.18 -35.30 -3.09
CA VAL B 317 4.28 -34.17 -3.20
C VAL B 317 4.14 -33.83 -4.70
N TYR B 318 2.90 -33.50 -5.08
CA TYR B 318 2.61 -33.09 -6.44
C TYR B 318 2.37 -31.59 -6.38
N LEU B 319 3.14 -30.82 -7.15
CA LEU B 319 3.02 -29.34 -7.03
C LEU B 319 1.74 -28.87 -7.73
N LYS B 320 1.02 -27.94 -7.08
CA LYS B 320 -0.24 -27.43 -7.61
C LYS B 320 -0.24 -25.92 -7.40
N GLY B 321 -0.29 -25.14 -8.46
CA GLY B 321 -0.31 -23.70 -8.24
C GLY B 321 -0.07 -22.91 -9.47
N PHE B 322 0.73 -21.86 -9.37
CA PHE B 322 0.86 -20.84 -10.35
C PHE B 322 2.24 -20.24 -10.46
N GLY B 323 2.48 -19.70 -11.64
CA GLY B 323 3.42 -18.61 -11.78
C GLY B 323 2.74 -17.31 -11.38
N LYS B 324 3.42 -16.42 -10.64
CA LYS B 324 2.86 -15.12 -10.30
C LYS B 324 3.67 -14.00 -10.93
N HIS B 325 3.40 -12.78 -10.45
CA HIS B 325 4.23 -11.60 -10.76
C HIS B 325 4.11 -10.74 -9.54
N GLU B 326 5.04 -9.80 -9.37
CA GLU B 326 4.79 -8.70 -8.42
C GLU B 326 4.14 -7.63 -9.26
N ASP B 327 2.80 -7.55 -9.18
CA ASP B 327 2.07 -6.69 -10.11
C ASP B 327 0.68 -6.39 -9.55
N PHE B 328 0.32 -5.11 -9.49
CA PHE B 328 -0.96 -4.74 -8.89
C PHE B 328 -1.34 -3.38 -9.44
N PRO B 329 -2.64 -3.07 -9.54
CA PRO B 329 -2.95 -1.74 -10.10
C PRO B 329 -2.33 -0.57 -9.36
N ILE B 330 -1.86 0.38 -10.15
CA ILE B 330 -1.24 1.64 -9.76
C ILE B 330 0.17 1.49 -9.10
N LEU B 331 0.29 0.60 -8.15
CA LEU B 331 1.57 0.33 -7.51
C LEU B 331 2.60 -0.31 -8.41
N GLY B 332 2.17 -0.96 -9.46
CA GLY B 332 3.09 -1.70 -10.29
C GLY B 332 3.66 -2.92 -9.57
N ARG B 333 4.98 -2.94 -9.39
CA ARG B 333 5.57 -4.02 -8.58
C ARG B 333 5.76 -3.61 -7.11
N GLY B 334 5.22 -2.45 -6.74
CA GLY B 334 5.43 -1.99 -5.38
C GLY B 334 4.95 -2.99 -4.34
N PHE B 335 5.75 -3.16 -3.32
CA PHE B 335 5.38 -4.12 -2.26
C PHE B 335 4.25 -3.59 -1.36
N HIS B 336 3.29 -4.45 -1.05
CA HIS B 336 2.28 -4.11 -0.03
C HIS B 336 1.81 -5.43 0.60
N TRP B 337 1.79 -5.48 1.93
CA TRP B 337 1.30 -6.70 2.61
C TRP B 337 -0.12 -7.05 2.23
N GLY B 338 -0.93 -6.07 1.86
CA GLY B 338 -2.30 -6.35 1.45
C GLY B 338 -2.36 -7.26 0.23
N ILE B 339 -1.45 -7.02 -0.72
CA ILE B 339 -1.41 -7.84 -1.94
C ILE B 339 -1.02 -9.29 -1.55
N VAL B 340 -0.02 -9.41 -0.67
CA VAL B 340 0.34 -10.73 -0.13
C VAL B 340 -0.87 -11.41 0.49
N LYS B 341 -1.59 -10.70 1.36
CA LYS B 341 -2.71 -11.34 2.08
C LYS B 341 -3.81 -11.80 1.10
N ARG B 342 -4.25 -10.89 0.22
CA ARG B 342 -5.30 -11.30 -0.75
C ARG B 342 -4.81 -12.46 -1.60
N ASP B 343 -3.57 -12.38 -2.07
CA ASP B 343 -3.10 -13.43 -3.03
C ASP B 343 -3.03 -14.77 -2.32
N PHE B 344 -2.55 -14.81 -1.07
CA PHE B 344 -2.54 -16.10 -0.36
C PHE B 344 -3.93 -16.60 -0.05
N GLU B 345 -4.89 -15.72 0.26
CA GLU B 345 -6.26 -16.22 0.47
C GLU B 345 -6.80 -16.81 -0.82
N CYS B 346 -6.55 -16.16 -1.95
CA CYS B 346 -6.94 -16.74 -3.22
C CYS B 346 -6.25 -18.07 -3.51
N LEU B 347 -4.95 -18.11 -3.27
CA LEU B 347 -4.23 -19.39 -3.46
C LEU B 347 -4.81 -20.50 -2.63
N LYS B 348 -5.05 -20.24 -1.34
CA LYS B 348 -5.63 -21.29 -0.50
C LYS B 348 -7.03 -21.72 -0.96
N TRP B 349 -7.82 -20.74 -1.42
CA TRP B 349 -9.16 -21.09 -1.94
C TRP B 349 -9.06 -22.00 -3.17
N THR B 350 -8.02 -21.84 -4.01
CA THR B 350 -7.88 -22.76 -5.14
C THR B 350 -7.34 -24.14 -4.71
N ASN B 351 -6.89 -24.29 -3.45
CA ASN B 351 -6.25 -25.53 -2.97
C ASN B 351 -4.85 -25.72 -3.55
N ALA B 352 -4.24 -24.62 -3.96
CA ALA B 352 -2.83 -24.63 -4.38
C ALA B 352 -1.90 -24.93 -3.23
N ASN B 353 -0.71 -25.42 -3.57
CA ASN B 353 0.38 -25.56 -2.57
C ASN B 353 1.72 -24.95 -2.99
N CYS B 354 1.79 -24.30 -4.16
CA CYS B 354 3.08 -23.91 -4.71
C CYS B 354 2.97 -22.68 -5.61
N PHE B 355 3.99 -21.81 -5.57
CA PHE B 355 4.14 -20.91 -6.68
C PHE B 355 5.59 -20.75 -7.07
N ARG B 356 5.79 -20.34 -8.33
CA ARG B 356 7.14 -19.97 -8.82
C ARG B 356 7.24 -18.44 -8.81
N THR B 357 8.39 -17.89 -8.40
CA THR B 357 8.57 -16.41 -8.41
C THR B 357 8.97 -15.98 -9.83
N SER B 358 8.10 -16.27 -10.75
CA SER B 358 8.31 -15.79 -12.09
C SER B 358 8.33 -14.25 -12.14
N HIS B 359 9.30 -13.61 -12.82
CA HIS B 359 10.57 -14.17 -13.34
C HIS B 359 11.71 -13.41 -12.68
N TYR B 360 11.74 -13.40 -11.35
CA TYR B 360 12.71 -12.58 -10.58
C TYR B 360 12.41 -12.89 -9.11
N PRO B 361 13.39 -12.74 -8.25
CA PRO B 361 13.09 -12.92 -6.82
C PRO B 361 12.10 -11.85 -6.40
N TYR B 362 11.20 -12.24 -5.53
CA TYR B 362 10.19 -11.29 -5.00
C TYR B 362 10.66 -10.63 -3.73
N ALA B 363 9.86 -9.66 -3.25
CA ALA B 363 10.19 -9.06 -1.95
C ALA B 363 10.22 -10.15 -0.89
N GLU B 364 11.13 -9.99 0.07
CA GLU B 364 11.37 -11.02 1.09
C GLU B 364 10.10 -11.43 1.83
N GLU B 365 9.20 -10.47 1.99
CA GLU B 365 7.99 -10.70 2.70
C GLU B 365 7.11 -11.82 2.10
N TRP B 366 7.18 -12.00 0.77
CA TRP B 366 6.43 -13.13 0.17
C TRP B 366 6.87 -14.49 0.69
N TYR B 367 8.16 -14.61 0.91
CA TYR B 367 8.70 -15.90 1.39
C TYR B 367 8.42 -16.08 2.88
N GLN B 368 8.55 -14.99 3.65
CA GLN B 368 8.18 -15.06 5.06
C GLN B 368 6.75 -15.57 5.18
N PHE B 369 5.86 -15.07 4.32
CA PHE B 369 4.47 -15.47 4.44
C PHE B 369 4.24 -16.89 3.93
N ALA B 370 4.93 -17.24 2.87
CA ALA B 370 4.85 -18.66 2.45
C ALA B 370 5.30 -19.62 3.54
N ASP B 371 6.33 -19.22 4.30
CA ASP B 371 6.79 -20.06 5.41
C ASP B 371 5.69 -20.27 6.41
N GLU B 372 4.91 -19.21 6.67
CA GLU B 372 3.86 -19.29 7.68
C GLU B 372 2.66 -20.13 7.20
N GLU B 373 2.40 -20.04 5.90
CA GLU B 373 1.24 -20.69 5.30
C GLU B 373 1.54 -22.07 4.70
N GLY B 374 2.79 -22.48 4.77
CA GLY B 374 3.11 -23.80 4.28
C GLY B 374 3.10 -23.91 2.75
N PHE B 375 3.40 -22.82 2.04
CA PHE B 375 3.51 -22.91 0.60
C PHE B 375 4.92 -23.21 0.15
N LEU B 376 4.98 -23.93 -0.96
CA LEU B 376 6.27 -24.32 -1.59
C LEU B 376 6.60 -23.29 -2.66
N ILE B 377 7.87 -22.90 -2.71
CA ILE B 377 8.30 -21.88 -3.65
C ILE B 377 9.42 -22.43 -4.51
N ILE B 378 9.26 -22.22 -5.82
CA ILE B 378 10.39 -22.32 -6.75
C ILE B 378 10.92 -20.89 -6.98
N ASP B 379 12.13 -20.63 -6.48
CA ASP B 379 12.66 -19.25 -6.41
C ASP B 379 13.47 -19.02 -7.70
N GLU B 380 13.11 -18.00 -8.48
CA GLU B 380 13.65 -17.84 -9.84
C GLU B 380 14.45 -16.55 -9.99
N VAL B 381 15.68 -16.72 -10.48
CA VAL B 381 16.56 -15.58 -10.78
C VAL B 381 16.11 -14.90 -12.09
N PRO B 382 16.43 -13.58 -12.32
CA PRO B 382 15.74 -12.92 -13.48
C PRO B 382 16.35 -13.21 -14.85
N ALA B 383 16.70 -14.48 -15.05
CA ALA B 383 17.33 -14.91 -16.32
C ALA B 383 16.31 -15.21 -17.39
N VAL B 384 15.74 -14.10 -17.86
CA VAL B 384 14.68 -14.16 -18.84
C VAL B 384 15.04 -13.15 -19.86
N GLY B 385 14.67 -13.49 -21.09
CA GLY B 385 14.97 -12.63 -22.24
C GLY B 385 16.25 -13.02 -22.92
N MET B 386 16.69 -14.26 -22.72
CA MET B 386 17.92 -14.75 -23.33
C MET B 386 17.63 -15.63 -24.53
N MET B 387 16.54 -15.50 -25.23
CA MET B 387 16.46 -16.31 -26.44
C MET B 387 16.40 -15.48 -27.73
N ARG B 388 17.10 -15.93 -28.75
CA ARG B 388 16.99 -15.37 -30.10
C ARG B 388 15.56 -15.60 -30.57
N ALA B 407 27.59 -13.98 -28.46
CA ALA B 407 28.25 -12.68 -28.54
C ALA B 407 29.35 -12.40 -27.50
N LEU B 408 30.22 -11.45 -27.80
CA LEU B 408 31.20 -10.86 -26.87
C LEU B 408 30.58 -10.33 -25.55
N THR B 409 29.30 -10.14 -25.57
CA THR B 409 28.68 -9.73 -24.32
C THR B 409 28.34 -10.92 -23.41
N VAL B 410 28.44 -12.15 -23.93
CA VAL B 410 28.00 -13.33 -23.13
C VAL B 410 28.84 -13.55 -21.86
N PRO B 411 30.15 -13.34 -21.91
CA PRO B 411 30.88 -13.48 -20.65
C PRO B 411 30.46 -12.47 -19.58
N GLU B 412 30.08 -11.26 -19.98
CA GLU B 412 29.66 -10.28 -19.00
C GLU B 412 28.24 -10.65 -18.48
N LEU B 413 27.39 -11.15 -19.38
CA LEU B 413 26.05 -11.61 -18.97
C LEU B 413 26.20 -12.74 -17.94
N LEU B 414 27.13 -13.66 -18.20
CA LEU B 414 27.31 -14.80 -17.29
C LEU B 414 27.69 -14.32 -15.89
N LYS B 415 28.62 -13.37 -15.84
CA LYS B 415 29.03 -12.77 -14.56
C LYS B 415 27.80 -12.17 -13.84
N SER B 416 26.96 -11.44 -14.59
CA SER B 416 25.77 -10.84 -13.96
C SER B 416 24.81 -11.91 -13.43
N HIS B 417 24.61 -12.93 -14.26
CA HIS B 417 23.71 -14.04 -13.94
C HIS B 417 24.19 -14.76 -12.69
N ILE B 418 25.51 -15.05 -12.62
CA ILE B 418 26.03 -15.71 -11.42
C ILE B 418 25.93 -14.80 -10.17
N ALA B 419 26.14 -13.50 -10.33
CA ALA B 419 26.05 -12.62 -9.16
C ALA B 419 24.62 -12.58 -8.59
N ASP B 420 23.64 -12.51 -9.51
CA ASP B 420 22.24 -12.49 -9.10
C ASP B 420 21.88 -13.81 -8.43
N THR B 421 22.44 -14.92 -8.95
CA THR B 421 22.20 -16.23 -8.36
C THR B 421 22.76 -16.28 -6.91
N GLU B 422 24.00 -15.82 -6.75
CA GLU B 422 24.61 -15.76 -5.44
C GLU B 422 23.77 -14.93 -4.46
N GLU B 423 23.33 -13.77 -4.92
CA GLU B 423 22.53 -12.92 -4.03
C GLU B 423 21.18 -13.55 -3.68
N MET B 424 20.50 -14.14 -4.67
CA MET B 424 19.21 -14.79 -4.42
C MET B 424 19.35 -15.92 -3.39
N ILE B 425 20.33 -16.80 -3.63
CA ILE B 425 20.45 -17.96 -2.77
C ILE B 425 20.89 -17.52 -1.38
N THR B 426 21.83 -16.58 -1.29
CA THR B 426 22.25 -16.13 0.05
C THR B 426 21.07 -15.50 0.80
N ARG B 427 20.20 -14.74 0.07
CA ARG B 427 19.08 -14.11 0.73
C ARG B 427 18.04 -15.13 1.18
N ASP B 428 17.78 -16.16 0.34
CA ASP B 428 16.55 -16.93 0.51
C ASP B 428 16.73 -18.35 1.02
N LYS B 429 17.96 -18.80 1.16
CA LYS B 429 18.21 -20.22 1.43
C LYS B 429 17.55 -20.73 2.73
N ASN B 430 17.35 -19.87 3.74
CA ASN B 430 16.86 -20.38 5.02
C ASN B 430 15.34 -20.39 5.19
N HIS B 431 14.64 -20.04 4.12
CA HIS B 431 13.17 -20.16 4.13
C HIS B 431 12.80 -21.60 3.91
N PRO B 432 11.98 -22.18 4.79
CA PRO B 432 11.56 -23.58 4.51
C PRO B 432 10.70 -23.64 3.24
N SER B 433 10.01 -22.57 2.90
CA SER B 433 9.19 -22.62 1.68
C SER B 433 10.01 -22.81 0.43
N VAL B 434 11.27 -22.36 0.39
CA VAL B 434 12.02 -22.44 -0.88
C VAL B 434 12.55 -23.84 -1.06
N ILE B 435 11.97 -24.56 -2.01
CA ILE B 435 12.36 -25.98 -2.21
C ILE B 435 13.16 -26.20 -3.49
N ALA B 436 13.34 -25.18 -4.33
CA ALA B 436 14.04 -25.31 -5.59
C ALA B 436 14.45 -23.95 -6.09
N TRP B 437 15.55 -23.94 -6.84
CA TRP B 437 16.01 -22.75 -7.52
C TRP B 437 15.70 -22.90 -8.99
N SER B 438 15.09 -21.90 -9.62
CA SER B 438 14.97 -21.89 -11.09
C SER B 438 15.99 -20.89 -11.65
N LEU B 439 16.89 -21.36 -12.50
CA LEU B 439 18.04 -20.59 -12.91
C LEU B 439 17.89 -19.96 -14.29
N PHE B 440 16.72 -20.16 -14.94
CA PHE B 440 16.48 -19.56 -16.26
C PHE B 440 15.01 -19.71 -16.61
N ASN B 441 14.56 -18.83 -17.49
CA ASN B 441 13.22 -18.99 -18.09
C ASN B 441 13.33 -18.76 -19.60
N GLU B 442 13.19 -19.87 -20.35
CA GLU B 442 13.17 -19.86 -21.83
C GLU B 442 14.41 -19.27 -22.51
N PRO B 443 15.62 -19.71 -22.09
CA PRO B 443 16.82 -19.36 -22.86
C PRO B 443 16.98 -20.26 -24.10
N GLU B 444 17.97 -19.96 -24.93
CA GLU B 444 18.46 -20.91 -25.93
C GLU B 444 19.20 -22.05 -25.22
N THR B 445 18.93 -23.31 -25.59
CA THR B 445 19.55 -24.43 -24.89
C THR B 445 20.10 -25.52 -25.79
N ILE B 446 20.07 -25.30 -27.08
CA ILE B 446 20.35 -26.37 -28.04
C ILE B 446 21.78 -26.38 -28.55
N THR B 447 22.60 -25.44 -28.13
CA THR B 447 23.98 -25.37 -28.62
C THR B 447 24.93 -25.82 -27.52
N ASP B 448 26.12 -26.26 -27.91
CA ASP B 448 27.14 -26.64 -26.93
C ASP B 448 27.50 -25.45 -26.05
N TYR B 449 27.55 -24.28 -26.68
CA TYR B 449 27.82 -23.03 -25.99
C TYR B 449 26.88 -22.82 -24.81
N ALA B 450 25.59 -23.02 -25.04
CA ALA B 450 24.59 -22.84 -23.97
C ALA B 450 24.84 -23.84 -22.85
N TYR B 451 25.23 -25.08 -23.16
CA TYR B 451 25.52 -26.04 -22.11
C TYR B 451 26.65 -25.56 -21.21
N GLU B 452 27.70 -25.02 -21.83
CA GLU B 452 28.86 -24.57 -21.05
C GLU B 452 28.50 -23.39 -20.16
N TYR B 453 27.70 -22.47 -20.70
CA TYR B 453 27.18 -21.36 -19.92
C TYR B 453 26.40 -21.84 -18.71
N PHE B 454 25.40 -22.68 -18.95
CA PHE B 454 24.55 -23.09 -17.82
C PHE B 454 25.28 -24.02 -16.84
N LYS B 455 26.28 -24.79 -17.33
CA LYS B 455 27.08 -25.57 -16.40
C LYS B 455 27.75 -24.67 -15.35
N GLU B 456 28.21 -23.50 -15.78
CA GLU B 456 28.81 -22.55 -14.83
C GLU B 456 27.80 -21.97 -13.83
N VAL B 457 26.60 -21.64 -14.32
CA VAL B 457 25.56 -21.14 -13.43
C VAL B 457 25.14 -22.17 -12.39
N PHE B 458 24.91 -23.41 -12.81
CA PHE B 458 24.47 -24.44 -11.89
C PHE B 458 25.57 -24.79 -10.86
N ALA B 459 26.83 -24.78 -11.33
CA ALA B 459 27.92 -25.09 -10.41
C ALA B 459 28.01 -23.99 -9.37
N ALA B 460 27.86 -22.74 -9.79
CA ALA B 460 27.86 -21.62 -8.83
C ALA B 460 26.72 -21.74 -7.83
N ALA B 461 25.51 -22.02 -8.32
CA ALA B 461 24.37 -22.15 -7.44
C ALA B 461 24.61 -23.21 -6.38
N GLU B 462 25.18 -24.34 -6.80
CA GLU B 462 25.49 -25.42 -5.86
C GLU B 462 26.45 -24.94 -4.78
N THR B 463 27.46 -24.13 -5.15
CA THR B 463 28.39 -23.70 -4.11
C THR B 463 27.73 -22.79 -3.08
N TYR B 464 26.70 -22.06 -3.49
CA TYR B 464 26.11 -21.07 -2.57
C TYR B 464 25.01 -21.68 -1.69
N ASP B 465 24.46 -22.81 -2.10
CA ASP B 465 23.36 -23.40 -1.34
C ASP B 465 23.85 -24.54 -0.43
N PHE B 466 23.94 -24.20 0.86
CA PHE B 466 24.31 -25.14 1.90
C PHE B 466 23.42 -26.42 1.89
N GLN B 467 22.15 -26.28 1.48
CA GLN B 467 21.24 -27.41 1.44
C GLN B 467 21.30 -28.23 0.17
N SER B 468 21.98 -27.73 -0.85
CA SER B 468 22.06 -28.40 -2.14
C SER B 468 20.69 -28.86 -2.60
N ARG B 469 19.73 -27.93 -2.57
CA ARG B 469 18.34 -28.27 -2.94
C ARG B 469 18.21 -28.46 -4.45
N PRO B 470 17.07 -29.00 -4.90
CA PRO B 470 16.91 -29.21 -6.35
C PRO B 470 17.06 -27.92 -7.17
N MET B 471 17.63 -28.06 -8.35
CA MET B 471 17.83 -26.96 -9.26
C MET B 471 17.22 -27.25 -10.62
N THR B 472 16.70 -26.21 -11.25
CA THR B 472 15.90 -26.41 -12.47
C THR B 472 15.95 -25.12 -13.28
N GLY B 473 15.21 -25.13 -14.40
CA GLY B 473 14.90 -23.89 -15.11
C GLY B 473 13.73 -24.23 -16.03
N ALA B 474 13.08 -23.19 -16.55
CA ALA B 474 11.91 -23.45 -17.41
C ALA B 474 12.27 -23.36 -18.88
N PHE B 475 11.89 -24.40 -19.62
CA PHE B 475 12.24 -24.53 -21.02
C PHE B 475 11.06 -24.19 -21.94
N GLU B 476 11.34 -23.43 -23.00
CA GLU B 476 10.35 -23.22 -24.05
C GLU B 476 10.36 -24.40 -25.07
N LYS B 477 9.38 -24.43 -25.96
CA LYS B 477 9.20 -25.57 -26.83
C LYS B 477 10.36 -25.69 -27.82
N ASN B 478 11.04 -24.59 -28.15
CA ASN B 478 12.20 -24.66 -29.05
C ASN B 478 13.27 -25.58 -28.51
N SER B 479 13.30 -25.78 -27.18
CA SER B 479 14.22 -26.78 -26.57
C SER B 479 13.67 -28.18 -26.79
N LYS B 480 13.71 -28.66 -28.05
CA LYS B 480 13.11 -29.94 -28.36
C LYS B 480 13.85 -31.08 -27.67
N PRO B 481 13.15 -32.15 -27.34
CA PRO B 481 13.84 -33.24 -26.63
C PRO B 481 15.03 -33.82 -27.43
N GLU B 482 14.97 -33.74 -28.75
CA GLU B 482 16.06 -34.23 -29.62
C GLU B 482 17.22 -33.26 -29.71
N LEU B 483 16.98 -31.99 -29.36
CA LEU B 483 17.98 -30.93 -29.56
C LEU B 483 18.56 -30.32 -28.27
N CYS B 484 17.76 -30.28 -27.20
CA CYS B 484 18.18 -29.58 -25.97
C CYS B 484 19.42 -30.22 -25.35
N LYS B 485 20.41 -29.40 -25.01
CA LYS B 485 21.62 -29.91 -24.35
C LYS B 485 21.65 -29.65 -22.84
N CYS B 486 20.68 -28.90 -22.34
CA CYS B 486 20.75 -28.45 -20.95
C CYS B 486 19.85 -29.19 -19.94
N TYR B 487 18.85 -29.94 -20.40
CA TYR B 487 17.98 -30.53 -19.37
C TYR B 487 18.75 -31.51 -18.42
N PRO B 488 19.88 -32.14 -18.89
CA PRO B 488 20.59 -33.00 -17.92
C PRO B 488 21.23 -32.26 -16.73
N LEU B 489 21.36 -30.94 -16.79
CA LEU B 489 21.87 -30.18 -15.65
C LEU B 489 20.82 -30.08 -14.52
N CYS B 490 19.57 -30.32 -14.89
CA CYS B 490 18.45 -30.09 -13.97
C CYS B 490 18.14 -31.29 -13.12
N ASP B 491 17.75 -31.08 -11.86
CA ASP B 491 17.30 -32.16 -11.02
C ASP B 491 15.84 -32.61 -11.33
N PHE B 492 15.01 -31.67 -11.78
CA PHE B 492 13.71 -31.97 -12.37
C PHE B 492 13.52 -30.96 -13.49
N ILE B 493 12.65 -31.31 -14.46
CA ILE B 493 12.52 -30.52 -15.69
C ILE B 493 11.23 -29.71 -15.63
N CYS B 494 11.33 -28.42 -15.90
CA CYS B 494 10.15 -27.54 -15.94
C CYS B 494 9.89 -27.19 -17.39
N LEU B 495 8.66 -27.44 -17.86
CA LEU B 495 8.31 -27.10 -19.26
C LEU B 495 7.25 -25.99 -19.26
N ASN B 496 7.46 -24.99 -20.14
CA ASN B 496 6.41 -24.00 -20.51
C ASN B 496 5.82 -24.45 -21.81
N ARG B 497 4.52 -24.75 -21.83
CA ARG B 497 3.86 -25.19 -23.05
C ARG B 497 2.58 -24.41 -23.33
N TYR B 498 2.25 -24.25 -24.60
CA TYR B 498 1.03 -23.52 -24.98
C TYR B 498 0.36 -24.24 -26.15
N TYR B 499 0.28 -25.56 -26.01
CA TYR B 499 -0.51 -26.36 -26.97
C TYR B 499 -1.97 -26.02 -26.73
N GLY B 500 -2.58 -25.42 -27.75
CA GLY B 500 -3.98 -24.98 -27.59
C GLY B 500 -4.03 -23.45 -27.47
N TRP B 501 -2.89 -22.78 -27.42
CA TRP B 501 -2.92 -21.32 -27.47
C TRP B 501 -2.04 -20.84 -28.61
N TYR B 502 -0.71 -20.87 -28.47
CA TYR B 502 0.17 -20.41 -29.54
C TYR B 502 0.31 -21.49 -30.62
N ILE B 503 0.10 -22.72 -30.27
CA ILE B 503 0.17 -23.85 -31.16
C ILE B 503 -1.22 -24.49 -31.30
N SER B 504 -1.77 -24.47 -32.52
CA SER B 504 -3.03 -25.15 -32.85
C SER B 504 -4.16 -24.77 -31.87
N GLY B 505 -4.33 -23.47 -31.73
CA GLY B 505 -5.44 -22.98 -30.89
C GLY B 505 -6.83 -23.05 -31.48
N GLY B 506 -7.85 -23.03 -30.63
CA GLY B 506 -9.21 -22.74 -31.15
C GLY B 506 -9.75 -23.96 -31.90
N PRO B 507 -10.17 -23.77 -33.16
CA PRO B 507 -10.70 -24.91 -33.91
C PRO B 507 -9.69 -26.05 -34.11
N GLU B 508 -8.40 -25.78 -33.86
CA GLU B 508 -7.35 -26.82 -34.00
C GLU B 508 -6.99 -27.47 -32.68
N ILE B 509 -7.77 -27.26 -31.61
CA ILE B 509 -7.35 -27.77 -30.31
C ILE B 509 -7.24 -29.30 -30.27
N GLU B 510 -7.96 -30.01 -31.08
CA GLU B 510 -7.79 -31.45 -31.14
C GLU B 510 -6.39 -31.79 -31.67
N GLU B 511 -5.94 -31.03 -32.64
CA GLU B 511 -4.57 -31.20 -33.17
C GLU B 511 -3.56 -30.80 -32.10
N ALA B 512 -3.90 -29.76 -31.34
CA ALA B 512 -2.98 -29.35 -30.29
C ALA B 512 -2.74 -30.49 -29.29
N GLU B 513 -3.80 -31.20 -28.96
CA GLU B 513 -3.71 -32.26 -28.00
C GLU B 513 -2.84 -33.39 -28.57
N GLU B 514 -3.03 -33.67 -29.86
CA GLU B 514 -2.21 -34.72 -30.48
C GLU B 514 -0.75 -34.31 -30.53
N LEU B 515 -0.46 -33.06 -30.88
CA LEU B 515 0.93 -32.60 -30.89
C LEU B 515 1.55 -32.65 -29.50
N PHE B 516 0.75 -32.35 -28.48
CA PHE B 516 1.26 -32.32 -27.11
C PHE B 516 1.61 -33.75 -26.70
N ARG B 517 0.70 -34.68 -26.97
CA ARG B 517 0.96 -36.11 -26.66
C ARG B 517 2.15 -36.59 -27.49
N ASP B 518 2.32 -36.15 -28.73
CA ASP B 518 3.50 -36.55 -29.49
C ASP B 518 4.80 -36.12 -28.80
N GLU B 519 4.84 -34.90 -28.30
CA GLU B 519 6.06 -34.43 -27.63
C GLU B 519 6.26 -35.18 -26.32
N MET B 520 5.20 -35.38 -25.56
CA MET B 520 5.34 -36.07 -24.28
C MET B 520 5.70 -37.55 -24.44
N ASP B 521 5.22 -38.15 -25.55
CA ASP B 521 5.66 -39.51 -25.86
C ASP B 521 7.16 -39.54 -26.18
N ARG B 522 7.66 -38.45 -26.78
CA ARG B 522 9.07 -38.33 -27.08
C ARG B 522 9.88 -38.26 -25.79
N TRP B 523 9.38 -37.50 -24.83
CA TRP B 523 10.03 -37.41 -23.52
C TRP B 523 9.92 -38.73 -22.80
N LYS B 524 8.75 -39.37 -22.83
CA LYS B 524 8.54 -40.64 -22.15
C LYS B 524 9.57 -41.69 -22.66
N ALA B 525 9.74 -41.74 -23.98
CA ALA B 525 10.65 -42.73 -24.61
C ALA B 525 12.10 -42.50 -24.19
N LYS B 526 12.42 -41.28 -23.76
CA LYS B 526 13.79 -41.06 -23.26
C LYS B 526 14.04 -41.64 -21.86
N GLU B 527 12.97 -41.98 -21.14
CA GLU B 527 13.03 -42.67 -19.82
C GLU B 527 14.06 -42.00 -18.92
N LEU B 528 13.97 -40.68 -18.77
CA LEU B 528 14.96 -39.91 -18.00
C LEU B 528 14.92 -40.18 -16.51
N ASN B 529 13.79 -40.72 -16.02
CA ASN B 529 13.57 -40.95 -14.61
C ASN B 529 13.76 -39.70 -13.76
N VAL B 530 13.28 -38.55 -14.28
CA VAL B 530 13.23 -37.29 -13.48
C VAL B 530 11.77 -36.78 -13.48
N PRO B 531 11.42 -36.02 -12.44
CA PRO B 531 10.07 -35.40 -12.46
C PRO B 531 10.04 -34.32 -13.50
N PHE B 532 8.84 -34.19 -14.09
CA PHE B 532 8.52 -33.06 -14.97
C PHE B 532 7.45 -32.19 -14.30
N VAL B 533 7.66 -30.89 -14.31
CA VAL B 533 6.66 -29.93 -13.79
C VAL B 533 6.32 -29.01 -14.93
N PHE B 534 5.03 -28.86 -15.25
CA PHE B 534 4.64 -27.79 -16.18
C PHE B 534 4.57 -26.47 -15.45
N THR B 535 5.49 -25.58 -15.80
CA THR B 535 5.60 -24.29 -15.11
C THR B 535 4.80 -23.21 -15.82
N GLU B 536 4.37 -23.45 -17.07
CA GLU B 536 3.40 -22.52 -17.72
C GLU B 536 2.53 -23.27 -18.66
N PHE B 537 1.25 -22.86 -18.68
CA PHE B 537 0.25 -23.26 -19.68
C PHE B 537 -0.91 -22.31 -19.39
N GLY B 538 -1.57 -21.79 -20.43
CA GLY B 538 -2.68 -20.87 -20.18
C GLY B 538 -3.15 -20.28 -21.49
N THR B 539 -4.19 -19.46 -21.38
CA THR B 539 -4.83 -18.78 -22.54
C THR B 539 -5.19 -17.37 -22.17
N ASP B 540 -4.94 -16.41 -23.05
CA ASP B 540 -5.47 -15.08 -22.71
C ASP B 540 -6.97 -15.17 -22.64
N THR B 541 -7.55 -14.57 -21.59
CA THR B 541 -8.97 -14.72 -21.34
C THR B 541 -9.51 -13.37 -20.86
N MET B 542 -10.41 -12.79 -21.64
CA MET B 542 -11.01 -11.51 -21.20
C MET B 542 -12.17 -11.79 -20.28
N ALA B 543 -12.08 -11.29 -19.05
CA ALA B 543 -13.24 -11.44 -18.18
C ALA B 543 -14.50 -10.92 -18.85
N GLY B 544 -15.58 -11.73 -18.81
CA GLY B 544 -16.85 -11.32 -19.38
C GLY B 544 -17.05 -11.68 -20.85
N LEU B 545 -15.99 -12.13 -21.51
CA LEU B 545 -16.17 -12.61 -22.89
C LEU B 545 -16.64 -14.06 -22.85
N HIS B 546 -17.91 -14.25 -23.20
CA HIS B 546 -18.54 -15.56 -23.17
C HIS B 546 -18.93 -15.97 -24.59
N LYS B 547 -18.74 -17.24 -24.94
CA LYS B 547 -19.18 -17.68 -26.25
C LYS B 547 -19.48 -19.17 -26.19
N LEU B 548 -20.56 -19.52 -26.90
CA LEU B 548 -20.98 -20.91 -27.07
C LEU B 548 -21.25 -21.17 -28.53
N PRO B 549 -20.44 -22.02 -29.19
CA PRO B 549 -19.27 -22.67 -28.61
C PRO B 549 -18.14 -21.67 -28.35
N SER B 550 -17.17 -22.11 -27.56
CA SER B 550 -16.12 -21.23 -27.09
C SER B 550 -15.23 -20.73 -28.21
N ILE B 551 -14.55 -19.62 -27.94
CA ILE B 551 -13.53 -19.10 -28.84
C ILE B 551 -12.29 -18.77 -28.06
N MET B 552 -11.16 -18.75 -28.69
CA MET B 552 -10.01 -18.21 -28.05
C MET B 552 -10.32 -16.82 -27.52
N TRP B 553 -9.91 -16.59 -26.30
CA TRP B 553 -10.09 -15.35 -25.52
C TRP B 553 -11.33 -15.37 -24.61
N SER B 554 -12.21 -16.32 -24.83
CA SER B 554 -13.40 -16.42 -23.96
C SER B 554 -13.10 -17.19 -22.67
N GLU B 555 -13.96 -16.98 -21.66
CA GLU B 555 -13.83 -17.68 -20.40
C GLU B 555 -14.04 -19.17 -20.57
N GLU B 556 -14.90 -19.54 -21.53
CA GLU B 556 -15.21 -20.98 -21.70
C GLU B 556 -14.03 -21.68 -22.33
N TYR B 557 -13.33 -20.97 -23.24
CA TYR B 557 -12.17 -21.62 -23.87
C TYR B 557 -11.06 -21.84 -22.83
N GLN B 558 -10.91 -20.93 -21.88
CA GLN B 558 -9.90 -21.13 -20.86
C GLN B 558 -10.16 -22.42 -20.10
N LYS B 559 -11.44 -22.66 -19.77
CA LYS B 559 -11.81 -23.92 -19.09
C LYS B 559 -11.48 -25.11 -19.98
N GLU B 560 -11.86 -25.06 -21.25
CA GLU B 560 -11.68 -26.24 -22.12
C GLU B 560 -10.19 -26.54 -22.38
N TYR B 561 -9.41 -25.47 -22.55
CA TYR B 561 -7.98 -25.60 -22.69
C TYR B 561 -7.37 -26.27 -21.47
N LEU B 562 -7.76 -25.83 -20.29
CA LEU B 562 -7.20 -26.41 -19.05
C LEU B 562 -7.59 -27.87 -18.95
N GLU B 563 -8.84 -28.22 -19.30
CA GLU B 563 -9.28 -29.64 -19.24
C GLU B 563 -8.45 -30.47 -20.20
N MET B 564 -8.17 -29.95 -21.38
CA MET B 564 -7.37 -30.72 -22.33
C MET B 564 -5.96 -30.93 -21.79
N ASN B 565 -5.37 -29.87 -21.22
CA ASN B 565 -3.99 -29.99 -20.70
C ASN B 565 -3.98 -31.01 -19.57
N PHE B 566 -4.96 -31.00 -18.68
CA PHE B 566 -4.96 -31.96 -17.59
C PHE B 566 -5.03 -33.38 -18.12
N ARG B 567 -5.81 -33.61 -19.18
CA ARG B 567 -5.91 -34.99 -19.72
C ARG B 567 -4.51 -35.44 -20.17
N VAL B 568 -3.75 -34.55 -20.79
CA VAL B 568 -2.39 -34.89 -21.23
C VAL B 568 -1.49 -35.06 -20.01
N PHE B 569 -1.48 -34.12 -19.07
CA PHE B 569 -0.63 -34.27 -17.89
C PHE B 569 -0.83 -35.66 -17.22
N ASP B 570 -2.10 -36.04 -17.01
CA ASP B 570 -2.47 -37.22 -16.24
C ASP B 570 -2.14 -38.51 -17.02
N SER B 571 -1.72 -38.36 -18.26
CA SER B 571 -1.39 -39.52 -19.11
C SER B 571 0.05 -39.98 -18.86
N TYR B 572 0.82 -39.24 -18.07
CA TYR B 572 2.27 -39.54 -17.93
C TYR B 572 2.64 -39.58 -16.45
N GLU B 573 3.25 -40.69 -16.03
CA GLU B 573 3.54 -40.92 -14.62
C GLU B 573 4.57 -39.90 -14.11
N PHE B 574 5.46 -39.46 -14.99
CA PHE B 574 6.60 -38.67 -14.53
C PHE B 574 6.21 -37.20 -14.36
N VAL B 575 4.98 -36.85 -14.71
CA VAL B 575 4.56 -35.48 -14.40
C VAL B 575 4.30 -35.37 -12.92
N GLN B 576 4.85 -34.34 -12.25
CA GLN B 576 4.82 -34.27 -10.81
C GLN B 576 4.43 -32.86 -10.36
N GLY B 577 3.97 -32.05 -11.29
CA GLY B 577 3.41 -30.78 -10.82
C GLY B 577 2.92 -29.93 -11.98
N GLU B 578 2.06 -28.98 -11.62
CA GLU B 578 1.44 -28.13 -12.64
C GLU B 578 1.23 -26.73 -12.02
N LEU B 579 1.93 -25.75 -12.59
CA LEU B 579 1.87 -24.34 -12.17
C LEU B 579 1.33 -23.58 -13.38
N ALA B 580 0.08 -23.14 -13.28
CA ALA B 580 -0.56 -22.47 -14.40
C ALA B 580 -0.03 -21.07 -14.62
N TRP B 581 -0.03 -20.63 -15.87
CA TRP B 581 0.36 -19.26 -16.21
C TRP B 581 -0.92 -18.49 -16.51
N ASN B 582 -1.31 -17.47 -15.75
CA ASN B 582 -0.62 -16.89 -14.58
C ASN B 582 -1.68 -16.90 -13.44
N PHE B 583 -1.24 -16.68 -12.20
CA PHE B 583 -2.21 -16.43 -11.14
C PHE B 583 -3.17 -15.26 -11.49
N ALA B 584 -2.63 -14.15 -12.00
CA ALA B 584 -3.49 -13.00 -12.24
C ALA B 584 -3.02 -12.24 -13.48
N ASP B 585 -3.97 -11.61 -14.13
CA ASP B 585 -3.64 -10.73 -15.29
C ASP B 585 -2.59 -9.70 -14.82
N PHE B 586 -1.66 -9.35 -15.71
CA PHE B 586 -0.56 -8.48 -15.28
C PHE B 586 -0.09 -7.58 -16.43
N GLN B 587 0.64 -6.51 -16.09
CA GLN B 587 1.00 -5.53 -17.11
C GLN B 587 2.16 -5.98 -17.98
N THR B 588 2.04 -5.65 -19.27
CA THR B 588 3.14 -5.87 -20.23
C THR B 588 3.36 -4.59 -21.00
N THR B 589 4.40 -4.60 -21.80
CA THR B 589 4.57 -3.62 -22.81
C THR B 589 3.33 -3.61 -23.70
N GLU B 590 2.95 -2.44 -24.16
CA GLU B 590 1.87 -2.28 -25.14
C GLU B 590 2.18 -2.92 -26.49
N GLY B 591 1.17 -3.45 -27.15
CA GLY B 591 1.37 -4.06 -28.44
C GLY B 591 0.14 -4.68 -29.06
N ILE B 592 0.26 -5.13 -30.29
CA ILE B 592 -0.91 -5.69 -30.94
C ILE B 592 -1.29 -7.06 -30.38
N MET B 593 -0.46 -7.64 -29.50
CA MET B 593 -0.78 -8.94 -28.95
C MET B 593 -1.19 -8.90 -27.51
N ARG B 594 -1.26 -7.69 -26.94
CA ARG B 594 -1.52 -7.57 -25.49
C ARG B 594 -2.62 -6.52 -25.26
N VAL B 595 -3.74 -7.00 -24.79
CA VAL B 595 -4.91 -6.13 -24.61
C VAL B 595 -4.90 -5.62 -23.16
N ASP B 596 -4.23 -4.48 -22.89
CA ASP B 596 -4.01 -4.06 -21.52
C ASP B 596 -3.33 -5.21 -20.75
N GLY B 597 -2.12 -5.50 -21.18
CA GLY B 597 -1.27 -6.50 -20.52
C GLY B 597 -1.65 -7.91 -20.94
N ASN B 598 -1.20 -8.82 -20.10
CA ASN B 598 -1.33 -10.23 -20.32
C ASN B 598 -2.59 -10.70 -19.61
N HIS B 599 -3.51 -11.35 -20.32
CA HIS B 599 -4.77 -11.78 -19.73
C HIS B 599 -4.85 -13.30 -19.52
N LYS B 600 -3.68 -13.92 -19.38
CA LYS B 600 -3.70 -15.34 -19.04
C LYS B 600 -3.98 -15.64 -17.57
N GLY B 601 -4.27 -14.58 -16.80
CA GLY B 601 -4.60 -14.80 -15.40
C GLY B 601 -5.82 -15.70 -15.24
N VAL B 602 -5.76 -16.50 -14.18
CA VAL B 602 -6.94 -17.20 -13.70
C VAL B 602 -7.81 -16.25 -12.85
N PHE B 603 -7.16 -15.28 -12.22
CA PHE B 603 -7.80 -14.16 -11.54
C PHE B 603 -7.58 -12.93 -12.40
N THR B 604 -8.42 -11.95 -12.18
CA THR B 604 -8.19 -10.67 -12.78
C THR B 604 -7.09 -9.94 -11.99
N ARG B 605 -6.65 -8.82 -12.54
CA ARG B 605 -5.64 -8.02 -11.90
C ARG B 605 -6.04 -7.49 -10.51
N ASP B 606 -7.31 -7.21 -10.36
CA ASP B 606 -7.81 -6.92 -9.03
C ASP B 606 -8.28 -8.09 -8.16
N ARG B 607 -7.81 -9.27 -8.55
CA ARG B 607 -7.84 -10.45 -7.71
C ARG B 607 -9.22 -11.06 -7.61
N GLN B 608 -9.93 -11.14 -8.73
CA GLN B 608 -11.24 -11.82 -8.70
C GLN B 608 -11.24 -12.98 -9.71
N PRO B 609 -11.96 -14.07 -9.40
CA PRO B 609 -11.81 -15.27 -10.23
C PRO B 609 -12.56 -15.24 -11.56
N LYS B 610 -11.90 -15.62 -12.63
CA LYS B 610 -12.60 -15.96 -13.86
C LYS B 610 -13.23 -17.36 -13.72
N ALA B 611 -14.00 -17.80 -14.72
CA ALA B 611 -14.65 -19.13 -14.59
C ALA B 611 -13.66 -20.26 -14.35
N ALA B 612 -12.48 -20.17 -14.94
CA ALA B 612 -11.53 -21.29 -14.87
C ALA B 612 -10.94 -21.47 -13.44
N ALA B 613 -11.09 -20.46 -12.58
CA ALA B 613 -10.53 -20.60 -11.24
C ALA B 613 -11.18 -21.77 -10.49
N VAL B 614 -12.48 -21.98 -10.71
CA VAL B 614 -13.18 -23.08 -10.04
C VAL B 614 -12.72 -24.44 -10.56
N VAL B 615 -12.31 -24.48 -11.83
CA VAL B 615 -11.80 -25.72 -12.41
C VAL B 615 -10.51 -26.16 -11.65
N PHE B 616 -9.62 -25.21 -11.35
CA PHE B 616 -8.46 -25.54 -10.54
C PHE B 616 -8.84 -25.93 -9.12
N LYS B 617 -9.74 -25.14 -8.50
CA LYS B 617 -10.18 -25.45 -7.13
C LYS B 617 -10.67 -26.89 -7.01
N ASP B 618 -11.54 -27.28 -7.94
CA ASP B 618 -12.13 -28.61 -7.88
C ASP B 618 -11.10 -29.70 -8.12
N ARG B 619 -10.17 -29.46 -9.06
CA ARG B 619 -9.18 -30.48 -9.38
C ARG B 619 -8.18 -30.67 -8.24
N TRP B 620 -7.79 -29.54 -7.66
CA TRP B 620 -6.70 -29.56 -6.66
C TRP B 620 -7.16 -29.91 -5.27
N GLU B 621 -8.49 -29.90 -5.05
CA GLU B 621 -9.06 -30.40 -3.80
C GLU B 621 -8.72 -31.90 -3.64
#